data_6JWZ
#
_entry.id   6JWZ
#
_cell.length_a   100.198
_cell.length_b   136.826
_cell.length_c   138.690
_cell.angle_alpha   90.000
_cell.angle_beta   90.000
_cell.angle_gamma   90.000
#
_symmetry.space_group_name_H-M   'P 21 21 21'
#
loop_
_entity.id
_entity.type
_entity.pdbx_description
1 polymer '7,8-dihydro-6-hydroxymethylpterin pyrophosphokinase-dihydropteroate synthase'
2 non-polymer 4-[(2-azanyl-4-oxidanylidene-7,8-dihydro-3~{H}-pteridin-6-yl)methylamino]-~{N}-(5,6-dimethoxypyrimidin-4-yl)benzenesulfonamide
3 non-polymer 'PHOSPHATE ION'
4 non-polymer 'ADENOSINE MONOPHOSPHATE'
5 non-polymer 'MAGNESIUM ION'
6 non-polymer 'CALCIUM ION'
7 non-polymer 'ACETATE ION'
8 non-polymer DI(HYDROXYETHYL)ETHER
9 water water
#
_entity_poly.entity_id   1
_entity_poly.type   'polypeptide(L)'
_entity_poly.pdbx_seq_one_letter_code
;METIQELILSEENKTNIAVLNLGTNDRRNAVLILETALHLVEKYLGKIINTSYLYETVPEYIVLDKKESCEKINKDCRIY
DVNYINELMQNLEESKYEENKELIDKCEEYETFLKNGKVDNSILKEVNVENYLLECNNIIVKNDEIMKNNLSKYKDKYYT
SYFYNLTVVVKTFVNDPLSMLVVIKYIEELMKRENVKEKEKFENRIIDIDILFFNDFTIFMKNIKLEKNMIYKILSKYIH
LERDIKNGNDNMSKVNMDKDINLNNNNNIKKKNNNDIDCDCVDQKMNNHVNNKNYINSFRDPQEIINNMVDNIEFLSIPH
VYTTHRYSILLCLNDMIPEYKHNVLNNTIRCLYNKYVSRMKEQYNINIKENNKRIYVLKDRISYLKEKTNIVGILNVNYD
SFSDGGIFVEPKRAVQRMFEMINEGASVIDIGGESFGPFVIPNPKISERDLVVPVLQLFQKEWNDIKNKIVKCDAKPIIS
IDTINYNVFKECVDNDLVDILNDISACTNNPEIIKLLKKKNKFYSVVLMHKRGNPHTMDKLTNYDNLVYDIKNYLEQRLN
FLVLNGIPRYRILFDIGLGFAKKHDQSIKLLQNIHVYDEYPLFIGYSRKRFISHCMNDQNVVINTQQKLHDEQQNENKNI
VDKSHNWMFQMNYMRKDKDQLLYQKNICGGLAIASYSYYKKVDLIRVHDVLETKSVLDVLTKIDQVKDPNSSSVDKLAAA
LEHHHHHH
;
_entity_poly.pdbx_strand_id   A,B
#
loop_
_chem_comp.id
_chem_comp.type
_chem_comp.name
_chem_comp.formula
ACT non-polymer 'ACETATE ION' 'C2 H3 O2 -1'
AMP non-polymer 'ADENOSINE MONOPHOSPHATE' 'C10 H14 N5 O7 P'
CA non-polymer 'CALCIUM ION' 'Ca 2'
CKL non-polymer 4-[(2-azanyl-4-oxidanylidene-7,8-dihydro-3~{H}-pteridin-6-yl)methylamino]-~{N}-(5,6-dimethoxypyrimidin-4-yl)benzenesulfonamide 'C19 H21 N9 O5 S'
MG non-polymer 'MAGNESIUM ION' 'Mg 2'
PEG non-polymer DI(HYDROXYETHYL)ETHER 'C4 H10 O3'
PO4 non-polymer 'PHOSPHATE ION' 'O4 P -3'
#
# COMPACT_ATOMS: atom_id res chain seq x y z
N GLN A 5 11.50 -65.47 3.65
CA GLN A 5 12.97 -65.68 3.51
C GLN A 5 13.69 -64.34 3.36
N GLU A 6 14.85 -64.35 2.68
CA GLU A 6 15.77 -63.23 2.67
C GLU A 6 16.19 -62.88 1.24
N LEU A 7 15.20 -62.58 0.39
CA LEU A 7 15.43 -61.78 -0.82
C LEU A 7 15.29 -60.31 -0.43
N ILE A 8 15.15 -60.09 0.89
CA ILE A 8 14.91 -58.79 1.51
C ILE A 8 16.21 -58.30 2.15
N LEU A 9 17.09 -59.25 2.50
CA LEU A 9 18.45 -58.97 2.91
C LEU A 9 19.40 -59.27 1.74
N SER A 10 18.90 -59.00 0.52
CA SER A 10 19.66 -59.16 -0.71
C SER A 10 20.92 -58.30 -0.67
N GLU A 11 22.01 -58.84 -1.20
CA GLU A 11 23.32 -58.22 -1.17
C GLU A 11 23.40 -57.15 -2.26
N GLU A 12 22.53 -57.27 -3.27
CA GLU A 12 22.40 -56.36 -4.39
C GLU A 12 22.16 -54.93 -3.88
N ASN A 13 23.02 -54.01 -4.35
CA ASN A 13 23.07 -52.65 -3.83
C ASN A 13 22.02 -51.78 -4.52
N LYS A 14 20.93 -51.51 -3.78
CA LYS A 14 19.74 -50.84 -4.29
C LYS A 14 19.93 -49.32 -4.26
N THR A 15 19.49 -48.65 -5.33
CA THR A 15 19.26 -47.21 -5.29
C THR A 15 17.81 -46.91 -5.69
N ASN A 16 17.01 -46.49 -4.71
CA ASN A 16 15.60 -46.23 -4.91
C ASN A 16 15.29 -44.78 -4.53
N ILE A 17 14.09 -44.33 -4.88
CA ILE A 17 13.65 -42.97 -4.57
C ILE A 17 12.43 -43.08 -3.65
N ALA A 18 12.52 -42.52 -2.44
CA ALA A 18 11.38 -42.49 -1.53
C ALA A 18 11.05 -41.05 -1.14
N VAL A 19 9.75 -40.72 -1.16
CA VAL A 19 9.27 -39.42 -0.74
C VAL A 19 8.70 -39.58 0.67
N LEU A 20 9.08 -38.67 1.59
CA LEU A 20 8.77 -38.86 3.00
C LEU A 20 7.97 -37.69 3.55
N ASN A 21 7.11 -37.99 4.53
CA ASN A 21 6.41 -36.96 5.26
C ASN A 21 6.98 -36.89 6.68
N LEU A 22 7.21 -35.66 7.18
CA LEU A 22 7.72 -35.43 8.51
C LEU A 22 6.77 -34.50 9.26
N GLY A 23 6.21 -35.01 10.36
CA GLY A 23 5.22 -34.27 11.13
C GLY A 23 5.54 -34.25 12.61
N THR A 24 5.27 -33.11 13.24
CA THR A 24 5.44 -32.86 14.67
C THR A 24 4.39 -31.83 15.09
N ASN A 25 4.20 -31.66 16.40
CA ASN A 25 3.34 -30.58 16.84
C ASN A 25 3.81 -30.01 18.16
N ASP A 26 5.13 -29.87 18.30
CA ASP A 26 5.72 -29.02 19.32
C ASP A 26 6.30 -27.80 18.62
N ARG A 27 5.50 -26.72 18.60
CA ARG A 27 5.81 -25.45 17.95
C ARG A 27 7.14 -24.87 18.42
N ARG A 28 7.46 -24.95 19.71
CA ARG A 28 8.66 -24.28 20.19
C ARG A 28 9.92 -25.09 19.88
N ASN A 29 9.76 -26.37 19.54
CA ASN A 29 10.92 -27.19 19.24
C ASN A 29 10.81 -27.77 17.83
N ALA A 30 9.93 -27.17 17.01
CA ALA A 30 9.51 -27.66 15.71
C ALA A 30 10.72 -27.94 14.81
N VAL A 31 11.57 -26.92 14.65
CA VAL A 31 12.78 -26.98 13.83
C VAL A 31 13.69 -28.10 14.33
N LEU A 32 13.99 -28.11 15.64
CA LEU A 32 14.98 -29.04 16.17
C LEU A 32 14.53 -30.48 15.98
N ILE A 33 13.24 -30.72 16.21
CA ILE A 33 12.72 -32.06 16.06
C ILE A 33 12.84 -32.47 14.59
N LEU A 34 12.33 -31.62 13.68
CA LEU A 34 12.21 -31.94 12.27
C LEU A 34 13.60 -32.10 11.64
N GLU A 35 14.50 -31.18 11.98
CA GLU A 35 15.85 -31.24 11.47
C GLU A 35 16.58 -32.46 12.07
N THR A 36 16.39 -32.72 13.37
CA THR A 36 16.90 -33.94 13.98
C THR A 36 16.46 -35.15 13.15
N ALA A 37 15.21 -35.14 12.70
CA ALA A 37 14.75 -36.22 11.84
C ALA A 37 15.50 -36.14 10.51
N LEU A 38 15.58 -34.94 9.94
CA LEU A 38 16.22 -34.76 8.63
C LEU A 38 17.63 -35.36 8.65
N HIS A 39 18.34 -35.14 9.77
CA HIS A 39 19.69 -35.64 9.97
C HIS A 39 19.73 -37.16 10.01
N LEU A 40 18.95 -37.77 10.91
CA LEU A 40 18.90 -39.22 10.99
C LEU A 40 18.41 -39.82 9.68
N VAL A 41 17.67 -39.02 8.89
CA VAL A 41 17.30 -39.50 7.56
C VAL A 41 18.57 -39.60 6.72
N GLU A 42 19.36 -38.51 6.69
CA GLU A 42 20.56 -38.43 5.85
C GLU A 42 21.58 -39.47 6.30
N LYS A 43 21.59 -39.74 7.61
CA LYS A 43 22.54 -40.65 8.22
C LYS A 43 22.23 -42.09 7.82
N TYR A 44 20.95 -42.45 7.91
CA TYR A 44 20.50 -43.84 7.97
C TYR A 44 19.69 -44.29 6.75
N LEU A 45 19.16 -43.38 5.94
CA LEU A 45 18.30 -43.82 4.84
C LEU A 45 18.98 -43.60 3.48
N GLY A 46 19.86 -42.58 3.41
CA GLY A 46 20.49 -42.21 2.15
C GLY A 46 20.67 -40.71 2.04
N LYS A 47 20.36 -40.17 0.87
CA LYS A 47 20.67 -38.78 0.54
C LYS A 47 19.41 -37.98 0.27
N ILE A 48 19.24 -36.86 0.97
CA ILE A 48 18.14 -35.93 0.72
C ILE A 48 18.42 -35.14 -0.57
N ILE A 49 17.45 -35.14 -1.49
CA ILE A 49 17.68 -34.49 -2.76
C ILE A 49 16.55 -33.52 -3.11
N ASN A 50 15.54 -33.44 -2.23
CA ASN A 50 14.55 -32.40 -2.29
C ASN A 50 13.90 -32.22 -0.92
N THR A 51 13.46 -31.00 -0.60
CA THR A 51 12.56 -30.81 0.53
C THR A 51 11.51 -29.77 0.18
N SER A 52 10.37 -29.86 0.86
CA SER A 52 9.34 -28.84 0.75
C SER A 52 9.67 -27.73 1.74
N TYR A 53 8.81 -26.72 1.77
CA TYR A 53 8.90 -25.78 2.87
C TYR A 53 8.42 -26.49 4.13
N LEU A 54 8.44 -25.73 5.22
CA LEU A 54 7.92 -26.10 6.52
C LEU A 54 6.57 -25.38 6.64
N TYR A 55 5.56 -26.06 7.21
CA TYR A 55 4.23 -25.46 7.39
C TYR A 55 3.64 -25.72 8.77
N GLU A 56 3.07 -24.66 9.36
CA GLU A 56 2.08 -24.75 10.41
C GLU A 56 0.78 -25.13 9.74
N THR A 57 0.28 -26.31 10.09
CA THR A 57 -0.87 -26.86 9.38
C THR A 57 -1.98 -27.10 10.39
N VAL A 58 -3.24 -27.05 9.93
CA VAL A 58 -4.38 -27.32 10.79
C VAL A 58 -4.72 -28.79 10.66
N PRO A 59 -5.03 -29.50 11.78
CA PRO A 59 -5.42 -30.92 11.73
C PRO A 59 -6.52 -31.19 10.72
N GLU A 60 -6.47 -32.38 10.06
CA GLU A 60 -5.74 -33.57 10.51
C GLU A 60 -4.26 -33.49 10.13
N VAL A 82 12.98 -32.23 25.61
CA VAL A 82 13.24 -30.87 25.15
C VAL A 82 14.69 -30.74 24.69
N ASN A 83 15.63 -31.40 25.41
CA ASN A 83 17.06 -31.19 25.22
C ASN A 83 17.86 -32.49 25.38
N TYR A 84 17.15 -33.62 25.42
CA TYR A 84 17.77 -34.94 25.41
C TYR A 84 18.11 -35.31 23.97
N ILE A 85 17.63 -34.49 23.02
CA ILE A 85 17.92 -34.62 21.60
C ILE A 85 19.41 -34.36 21.40
N ASN A 86 19.94 -33.41 22.18
CA ASN A 86 21.33 -33.01 22.12
C ASN A 86 22.23 -34.17 22.56
N GLU A 87 21.79 -34.90 23.60
CA GLU A 87 22.50 -36.04 24.15
C GLU A 87 22.46 -37.21 23.17
N LEU A 88 21.31 -37.37 22.50
CA LEU A 88 21.08 -38.45 21.55
C LEU A 88 22.17 -38.39 20.47
N MET A 89 22.35 -37.18 19.91
CA MET A 89 23.10 -36.96 18.67
C MET A 89 24.60 -37.21 18.85
N GLN A 90 25.07 -37.11 20.10
CA GLN A 90 26.46 -37.40 20.41
C GLN A 90 26.73 -38.89 20.27
N ASN A 91 25.72 -39.71 20.59
CA ASN A 91 25.91 -41.14 20.75
C ASN A 91 25.06 -41.92 19.77
N LEU A 92 25.22 -41.65 18.46
CA LEU A 92 24.52 -42.42 17.43
C LEU A 92 25.38 -43.61 17.02
N GLU A 93 24.73 -44.65 16.49
CA GLU A 93 25.46 -45.76 15.89
C GLU A 93 25.91 -45.38 14.49
N GLU A 94 27.14 -45.73 14.12
CA GLU A 94 27.64 -45.47 12.78
C GLU A 94 26.76 -46.22 11.77
N SER A 95 26.47 -45.57 10.64
CA SER A 95 25.73 -46.21 9.56
C SER A 95 26.68 -47.15 8.83
N LYS A 96 26.14 -48.29 8.39
CA LYS A 96 26.91 -49.25 7.62
C LYS A 96 26.94 -48.80 6.16
N TYR A 97 26.40 -47.60 5.90
CA TYR A 97 26.44 -46.99 4.57
C TYR A 97 27.15 -45.64 4.64
N GLU A 98 27.84 -45.31 3.56
CA GLU A 98 28.78 -44.20 3.59
C GLU A 98 28.06 -42.91 3.20
N GLU A 99 28.61 -41.79 3.67
CA GLU A 99 28.05 -40.45 3.46
C GLU A 99 28.94 -39.69 2.47
N ASN A 100 28.37 -39.16 1.38
CA ASN A 100 29.18 -38.53 0.35
C ASN A 100 28.75 -37.10 0.07
N LYS A 101 29.47 -36.14 0.64
CA LYS A 101 29.10 -34.74 0.59
C LYS A 101 29.47 -34.07 -0.73
N GLU A 102 29.89 -34.81 -1.78
CA GLU A 102 30.27 -34.19 -3.04
C GLU A 102 29.07 -33.53 -3.70
N LEU A 103 29.29 -32.39 -4.35
CA LEU A 103 28.22 -31.73 -5.07
C LEU A 103 27.82 -32.58 -6.28
N ILE A 104 26.51 -32.76 -6.47
CA ILE A 104 25.95 -33.39 -7.66
C ILE A 104 25.14 -32.31 -8.38
N ASP A 105 24.94 -32.46 -9.69
CA ASP A 105 24.22 -31.44 -10.45
C ASP A 105 23.12 -32.08 -11.31
N LYS A 106 22.80 -33.33 -10.98
CA LYS A 106 21.92 -34.19 -11.75
C LYS A 106 21.74 -35.45 -10.92
N CYS A 107 20.56 -36.06 -10.99
CA CYS A 107 20.38 -37.36 -10.39
C CYS A 107 19.49 -38.20 -11.29
N GLU A 108 20.06 -39.25 -11.90
CA GLU A 108 19.36 -40.01 -12.93
C GLU A 108 18.16 -40.73 -12.34
N GLU A 109 18.30 -41.34 -11.15
CA GLU A 109 17.23 -42.10 -10.54
C GLU A 109 16.06 -41.19 -10.17
N TYR A 110 16.36 -39.94 -9.78
CA TYR A 110 15.34 -39.00 -9.41
C TYR A 110 14.65 -38.45 -10.65
N GLU A 111 15.37 -38.36 -11.78
CA GLU A 111 14.73 -38.01 -13.03
C GLU A 111 13.81 -39.14 -13.48
N THR A 112 14.32 -40.37 -13.34
CA THR A 112 13.63 -41.62 -13.61
C THR A 112 12.31 -41.67 -12.83
N PHE A 113 12.32 -41.16 -11.60
CA PHE A 113 11.15 -41.21 -10.74
C PHE A 113 10.15 -40.12 -11.12
N LEU A 114 10.65 -38.95 -11.52
CA LEU A 114 9.82 -37.80 -11.85
C LEU A 114 9.01 -38.07 -13.11
N LYS A 115 9.69 -38.32 -14.24
CA LYS A 115 9.08 -39.07 -15.32
C LYS A 115 8.70 -40.40 -14.69
N ASN A 116 7.80 -41.18 -15.29
CA ASN A 116 7.31 -42.30 -14.51
C ASN A 116 7.96 -43.62 -14.92
N GLY A 117 9.17 -43.53 -15.49
CA GLY A 117 9.82 -44.61 -16.21
C GLY A 117 10.38 -45.73 -15.33
N LYS A 118 11.46 -46.35 -15.85
CA LYS A 118 11.77 -47.77 -15.70
C LYS A 118 12.67 -48.04 -14.50
N VAL A 119 12.09 -48.72 -13.49
CA VAL A 119 12.83 -49.19 -12.32
C VAL A 119 12.58 -50.69 -12.16
N ASP A 120 13.43 -51.36 -11.38
CA ASP A 120 13.32 -52.77 -11.03
C ASP A 120 11.94 -53.08 -10.42
N ASN A 121 11.54 -54.36 -10.52
CA ASN A 121 10.36 -54.90 -9.87
C ASN A 121 10.50 -54.80 -8.36
N SER A 122 9.36 -54.55 -7.69
CA SER A 122 9.30 -54.56 -6.24
C SER A 122 9.49 -55.98 -5.70
N ILE A 123 10.36 -56.09 -4.69
CA ILE A 123 10.56 -57.33 -3.95
C ILE A 123 9.40 -57.53 -2.97
N LEU A 124 8.52 -56.53 -2.85
CA LEU A 124 7.31 -56.69 -2.05
C LEU A 124 6.11 -56.86 -2.98
N LYS A 125 5.11 -57.63 -2.52
CA LYS A 125 3.97 -57.93 -3.37
C LYS A 125 3.15 -56.66 -3.62
N GLU A 126 3.08 -56.32 -4.90
CA GLU A 126 2.30 -55.22 -5.45
C GLU A 126 0.84 -55.62 -5.66
N VAL A 127 -0.05 -54.64 -5.56
CA VAL A 127 -1.47 -54.78 -5.81
C VAL A 127 -1.82 -53.92 -7.03
N ASN A 128 -2.97 -54.20 -7.67
CA ASN A 128 -3.40 -53.38 -8.80
C ASN A 128 -4.15 -52.16 -8.28
N VAL A 129 -4.58 -51.31 -9.22
CA VAL A 129 -5.19 -50.03 -8.88
C VAL A 129 -6.48 -50.26 -8.08
N GLU A 130 -7.30 -51.22 -8.53
CA GLU A 130 -8.60 -51.48 -7.94
C GLU A 130 -8.44 -51.84 -6.47
N ASN A 131 -7.61 -52.87 -6.20
CA ASN A 131 -7.47 -53.45 -4.88
C ASN A 131 -6.93 -52.43 -3.88
N TYR A 132 -6.09 -51.51 -4.38
CA TYR A 132 -5.52 -50.47 -3.54
C TYR A 132 -6.63 -49.51 -3.12
N LEU A 133 -7.50 -49.16 -4.07
CA LEU A 133 -8.54 -48.17 -3.84
C LEU A 133 -9.60 -48.71 -2.88
N LEU A 134 -9.79 -50.03 -2.89
CA LEU A 134 -10.69 -50.69 -1.96
C LEU A 134 -10.08 -50.63 -0.57
N GLU A 135 -8.84 -51.15 -0.47
CA GLU A 135 -8.13 -51.32 0.79
C GLU A 135 -7.74 -49.96 1.38
N CYS A 136 -7.49 -48.96 0.51
CA CYS A 136 -7.26 -47.59 0.89
C CYS A 136 -8.51 -47.07 1.62
N ASN A 137 -9.66 -47.23 0.96
CA ASN A 137 -10.92 -46.67 1.42
C ASN A 137 -11.35 -47.29 2.75
N ASN A 138 -11.12 -48.60 2.89
CA ASN A 138 -11.46 -49.29 4.13
C ASN A 138 -10.72 -48.68 5.33
N ILE A 139 -9.45 -48.34 5.14
CA ILE A 139 -8.61 -47.83 6.23
C ILE A 139 -9.10 -46.43 6.60
N ILE A 140 -9.56 -45.68 5.60
CA ILE A 140 -9.97 -44.31 5.85
C ILE A 140 -11.25 -44.32 6.69
N VAL A 141 -12.27 -45.04 6.19
CA VAL A 141 -13.60 -45.02 6.78
C VAL A 141 -13.55 -45.61 8.19
N LYS A 142 -12.79 -46.70 8.35
CA LYS A 142 -12.60 -47.33 9.65
C LYS A 142 -11.89 -46.37 10.60
N ASN A 143 -10.88 -45.65 10.10
CA ASN A 143 -10.12 -44.71 10.92
C ASN A 143 -10.92 -43.43 11.16
N ASP A 144 -11.94 -43.20 10.32
CA ASP A 144 -12.83 -42.05 10.48
C ASP A 144 -13.77 -42.25 11.65
N GLU A 145 -14.46 -43.40 11.67
CA GLU A 145 -15.43 -43.71 12.72
C GLU A 145 -14.70 -43.90 14.05
N ILE A 146 -13.40 -44.23 14.00
CA ILE A 146 -12.58 -44.31 15.20
C ILE A 146 -12.40 -42.91 15.78
N MET A 147 -12.00 -41.96 14.93
CA MET A 147 -11.81 -40.58 15.34
C MET A 147 -13.15 -40.01 15.81
N LYS A 148 -14.21 -40.25 15.03
CA LYS A 148 -15.49 -39.59 15.21
C LYS A 148 -16.00 -39.75 16.64
N ASN A 149 -15.99 -40.98 17.16
CA ASN A 149 -16.42 -41.22 18.53
C ASN A 149 -15.21 -41.26 19.47
N ASN A 150 -14.45 -40.16 19.49
CA ASN A 150 -13.33 -39.98 20.40
C ASN A 150 -13.34 -38.56 20.97
N LEU A 151 -13.70 -38.46 22.26
CA LEU A 151 -13.55 -37.25 23.05
C LEU A 151 -13.45 -37.65 24.53
N SER A 161 -3.87 -26.97 18.71
CA SER A 161 -3.12 -28.20 18.49
C SER A 161 -2.68 -28.27 17.03
N TYR A 162 -1.81 -27.35 16.61
CA TYR A 162 -1.35 -27.27 15.23
C TYR A 162 -0.36 -28.39 14.93
N PHE A 163 -0.09 -28.61 13.64
CA PHE A 163 0.94 -29.53 13.18
C PHE A 163 2.07 -28.78 12.47
N TYR A 164 3.28 -29.34 12.56
CA TYR A 164 4.45 -28.79 11.90
C TYR A 164 4.99 -29.83 10.92
N ASN A 165 4.95 -29.47 9.64
CA ASN A 165 4.92 -30.43 8.54
C ASN A 165 6.01 -30.12 7.51
N LEU A 166 6.53 -31.17 6.87
CA LEU A 166 7.67 -31.09 5.97
C LEU A 166 7.73 -32.35 5.12
N THR A 167 8.22 -32.24 3.88
CA THR A 167 8.46 -33.44 3.09
C THR A 167 9.88 -33.46 2.53
N VAL A 168 10.34 -34.67 2.18
CA VAL A 168 11.69 -34.91 1.69
C VAL A 168 11.65 -36.00 0.62
N VAL A 169 12.53 -35.88 -0.40
CA VAL A 169 12.86 -37.00 -1.25
C VAL A 169 14.23 -37.51 -0.86
N VAL A 170 14.35 -38.83 -0.69
CA VAL A 170 15.60 -39.46 -0.29
C VAL A 170 16.03 -40.42 -1.40
N LYS A 171 17.17 -40.15 -2.05
CA LYS A 171 17.82 -41.24 -2.76
C LYS A 171 18.26 -42.23 -1.69
N THR A 172 17.74 -43.46 -1.77
CA THR A 172 17.88 -44.36 -0.65
C THR A 172 18.57 -45.66 -1.07
N PHE A 173 19.33 -46.21 -0.11
CA PHE A 173 20.05 -47.46 -0.28
C PHE A 173 19.28 -48.60 0.38
N VAL A 174 18.20 -48.26 1.08
CA VAL A 174 17.35 -49.26 1.68
C VAL A 174 16.61 -49.98 0.56
N ASN A 175 16.36 -51.28 0.78
CA ASN A 175 15.99 -52.24 -0.27
C ASN A 175 14.55 -52.03 -0.74
N ASP A 176 13.64 -51.84 0.22
CA ASP A 176 12.21 -51.86 -0.05
C ASP A 176 11.50 -51.06 1.03
N PRO A 177 10.24 -50.61 0.77
CA PRO A 177 9.50 -49.78 1.73
C PRO A 177 9.37 -50.38 3.13
N LEU A 178 9.20 -51.70 3.20
CA LEU A 178 9.00 -52.36 4.49
C LEU A 178 10.26 -52.25 5.34
N SER A 179 11.40 -52.67 4.76
CA SER A 179 12.70 -52.47 5.40
C SER A 179 12.82 -51.03 5.86
N MET A 180 12.54 -50.10 4.96
CA MET A 180 12.66 -48.69 5.26
C MET A 180 11.79 -48.30 6.45
N LEU A 181 10.52 -48.73 6.45
CA LEU A 181 9.59 -48.41 7.52
C LEU A 181 10.15 -48.88 8.86
N VAL A 182 10.89 -50.00 8.82
CA VAL A 182 11.56 -50.53 9.99
C VAL A 182 12.58 -49.51 10.48
N VAL A 183 13.49 -49.10 9.59
CA VAL A 183 14.55 -48.17 9.95
C VAL A 183 13.94 -46.86 10.41
N ILE A 184 12.87 -46.40 9.75
CA ILE A 184 12.35 -45.10 10.10
C ILE A 184 11.62 -45.17 11.43
N LYS A 185 11.22 -46.39 11.84
CA LYS A 185 10.61 -46.57 13.15
C LYS A 185 11.69 -46.50 14.24
N TYR A 186 12.88 -47.03 13.94
CA TYR A 186 14.02 -47.00 14.84
C TYR A 186 14.30 -45.55 15.25
N ILE A 187 14.22 -44.65 14.27
CA ILE A 187 14.49 -43.23 14.38
C ILE A 187 13.38 -42.58 15.20
N GLU A 188 12.12 -42.99 14.97
CA GLU A 188 11.02 -42.46 15.77
C GLU A 188 11.30 -42.81 17.23
N GLU A 189 11.78 -44.04 17.45
CA GLU A 189 12.03 -44.56 18.78
C GLU A 189 13.24 -43.86 19.42
N LEU A 190 14.34 -43.75 18.65
CA LEU A 190 15.56 -43.09 19.09
C LEU A 190 15.23 -41.73 19.70
N MET A 191 14.27 -41.02 19.08
CA MET A 191 14.05 -39.62 19.34
C MET A 191 13.13 -39.42 20.54
N LYS A 192 12.46 -40.51 20.97
CA LYS A 192 11.68 -40.54 22.20
C LYS A 192 12.59 -40.70 23.43
N ARG A 193 12.12 -40.18 24.58
CA ARG A 193 12.87 -40.12 25.83
C ARG A 193 12.77 -41.46 26.56
N GLU A 194 13.93 -42.09 26.80
CA GLU A 194 14.05 -43.39 27.45
C GLU A 194 13.07 -43.52 28.61
N ARG A 205 4.88 -39.29 19.47
CA ARG A 205 4.33 -38.09 20.10
C ARG A 205 5.14 -36.87 19.62
N ILE A 206 6.44 -37.11 19.44
CA ILE A 206 7.38 -36.03 19.15
C ILE A 206 7.57 -35.89 17.63
N ILE A 207 7.37 -37.00 16.89
CA ILE A 207 7.66 -37.07 15.47
C ILE A 207 6.83 -38.19 14.86
N ASP A 208 6.37 -38.01 13.61
CA ASP A 208 5.79 -39.07 12.80
C ASP A 208 6.34 -38.99 11.37
N ILE A 209 7.18 -39.99 11.00
CA ILE A 209 7.72 -40.14 9.66
C ILE A 209 6.95 -41.23 8.93
N ASP A 210 6.47 -40.91 7.73
CA ASP A 210 5.70 -41.82 6.90
C ASP A 210 6.28 -41.84 5.49
N ILE A 211 6.22 -43.01 4.84
CA ILE A 211 6.65 -43.15 3.47
C ILE A 211 5.46 -42.79 2.58
N LEU A 212 5.58 -41.74 1.77
CA LEU A 212 4.54 -41.37 0.82
C LEU A 212 4.66 -42.22 -0.45
N PHE A 213 5.80 -42.17 -1.13
CA PHE A 213 6.01 -43.03 -2.29
C PHE A 213 7.29 -43.84 -2.08
N PHE A 214 7.57 -44.74 -3.02
CA PHE A 214 8.81 -45.51 -3.02
C PHE A 214 8.97 -46.12 -4.41
N ASN A 215 9.66 -45.42 -5.32
CA ASN A 215 9.58 -45.73 -6.72
C ASN A 215 8.11 -45.66 -7.13
N ASP A 216 7.74 -46.39 -8.18
CA ASP A 216 6.40 -46.25 -8.75
C ASP A 216 5.46 -47.33 -8.23
N PHE A 217 5.71 -47.85 -7.01
CA PHE A 217 5.07 -49.05 -6.53
C PHE A 217 3.67 -48.78 -5.97
N THR A 218 2.77 -49.74 -6.21
CA THR A 218 1.51 -49.86 -5.49
C THR A 218 1.59 -51.08 -4.58
N ILE A 219 1.40 -50.87 -3.27
CA ILE A 219 1.64 -51.90 -2.27
C ILE A 219 0.57 -51.76 -1.19
N PHE A 220 -0.16 -52.85 -0.97
CA PHE A 220 -1.02 -52.98 0.20
C PHE A 220 -0.80 -54.35 0.84
N MET A 221 -0.29 -54.34 2.08
CA MET A 221 -0.04 -55.55 2.83
C MET A 221 -0.77 -55.42 4.17
N LYS A 222 -1.68 -56.36 4.46
CA LYS A 222 -2.70 -56.13 5.48
C LYS A 222 -2.20 -56.51 6.88
N ASN A 223 -1.56 -57.67 7.02
CA ASN A 223 -1.38 -58.22 8.36
C ASN A 223 0.10 -58.45 8.63
N ILE A 224 0.86 -57.36 8.70
CA ILE A 224 2.28 -57.45 8.99
C ILE A 224 2.42 -57.90 10.43
N LYS A 225 2.88 -59.14 10.59
CA LYS A 225 3.43 -59.61 11.84
C LYS A 225 4.88 -60.00 11.57
N LEU A 226 5.78 -59.20 12.15
CA LEU A 226 7.20 -59.30 11.82
C LEU A 226 7.92 -59.81 13.06
N GLU A 227 8.65 -60.92 12.85
CA GLU A 227 9.37 -61.64 13.90
C GLU A 227 10.41 -60.71 14.54
N LYS A 228 10.52 -60.78 15.87
CA LYS A 228 11.47 -60.00 16.66
C LYS A 228 12.91 -60.13 16.11
N ASN A 229 13.23 -61.32 15.57
CA ASN A 229 14.52 -61.62 14.98
C ASN A 229 14.73 -60.79 13.72
N MET A 230 13.67 -60.72 12.90
CA MET A 230 13.70 -60.16 11.56
C MET A 230 14.01 -58.66 11.63
N ILE A 231 13.56 -58.01 12.72
CA ILE A 231 13.73 -56.59 12.93
C ILE A 231 15.21 -56.32 13.19
N TYR A 232 15.76 -56.94 14.25
CA TYR A 232 17.18 -56.87 14.56
C TYR A 232 17.99 -57.14 13.30
N LYS A 233 17.46 -58.02 12.43
CA LYS A 233 18.17 -58.52 11.27
C LYS A 233 18.16 -57.50 10.14
N ILE A 234 17.08 -56.74 9.99
CA ILE A 234 16.97 -55.70 8.97
C ILE A 234 17.82 -54.49 9.36
N LEU A 235 17.55 -53.96 10.57
CA LEU A 235 18.23 -52.82 11.15
C LEU A 235 19.75 -52.96 11.01
N SER A 236 20.25 -54.16 11.29
CA SER A 236 21.68 -54.47 11.33
C SER A 236 22.29 -54.46 9.93
N LYS A 237 21.43 -54.44 8.89
CA LYS A 237 21.85 -54.43 7.50
C LYS A 237 22.29 -53.02 7.12
N TYR A 238 21.90 -52.05 7.95
CA TYR A 238 22.04 -50.64 7.60
C TYR A 238 22.72 -49.86 8.74
N ILE A 239 22.87 -50.48 9.92
CA ILE A 239 23.39 -49.82 11.10
C ILE A 239 24.34 -50.75 11.86
N HIS A 240 25.54 -50.24 12.20
CA HIS A 240 26.45 -50.87 13.13
C HIS A 240 25.84 -50.85 14.53
N LEU A 241 25.02 -51.85 14.86
CA LEU A 241 24.25 -51.82 16.09
C LEU A 241 25.11 -52.21 17.29
N GLU A 242 25.00 -51.41 18.36
CA GLU A 242 25.88 -51.43 19.53
C GLU A 242 25.87 -52.82 20.18
N PRO A 302 19.81 -49.95 21.96
CA PRO A 302 20.01 -51.41 22.06
C PRO A 302 18.79 -52.21 21.57
N GLN A 303 18.25 -53.10 22.42
CA GLN A 303 17.20 -54.03 22.02
C GLN A 303 15.93 -53.88 22.87
N GLU A 304 15.88 -52.84 23.70
CA GLU A 304 14.68 -52.54 24.49
C GLU A 304 13.60 -52.02 23.54
N ILE A 305 14.05 -51.18 22.60
CA ILE A 305 13.21 -50.43 21.67
C ILE A 305 12.75 -51.34 20.52
N ILE A 306 13.54 -52.38 20.23
CA ILE A 306 13.22 -53.40 19.23
C ILE A 306 11.88 -54.05 19.56
N ASN A 307 11.60 -54.18 20.86
CA ASN A 307 10.35 -54.70 21.39
C ASN A 307 9.18 -53.79 20.99
N ASN A 308 9.33 -52.50 21.30
CA ASN A 308 8.28 -51.50 21.10
C ASN A 308 8.07 -51.25 19.60
N MET A 309 8.92 -51.87 18.77
CA MET A 309 8.85 -51.72 17.32
C MET A 309 8.02 -52.86 16.73
N VAL A 310 7.99 -54.01 17.41
CA VAL A 310 7.43 -55.24 16.88
C VAL A 310 5.94 -55.05 16.60
N ASP A 311 5.27 -54.31 17.50
CA ASP A 311 3.83 -54.13 17.43
C ASP A 311 3.47 -53.08 16.38
N ASN A 312 4.33 -52.05 16.25
CA ASN A 312 3.91 -50.77 15.71
C ASN A 312 3.82 -50.79 14.19
N ILE A 313 4.26 -51.90 13.56
CA ILE A 313 4.13 -52.10 12.12
C ILE A 313 3.07 -53.18 11.87
N GLU A 314 1.89 -52.75 11.39
CA GLU A 314 0.75 -53.63 11.22
C GLU A 314 0.48 -53.85 9.74
N PHE A 315 0.76 -52.82 8.93
CA PHE A 315 0.47 -52.85 7.49
C PHE A 315 1.32 -51.82 6.75
N LEU A 316 1.50 -52.06 5.45
CA LEU A 316 2.24 -51.17 4.57
C LEU A 316 1.34 -50.80 3.40
N SER A 317 1.11 -49.50 3.24
CA SER A 317 0.45 -48.98 2.07
C SER A 317 1.38 -48.02 1.35
N ILE A 318 1.45 -48.11 0.01
CA ILE A 318 2.24 -47.24 -0.84
C ILE A 318 1.45 -46.99 -2.13
N PRO A 319 1.11 -45.74 -2.52
CA PRO A 319 1.25 -44.55 -1.70
C PRO A 319 0.67 -44.66 -0.30
N HIS A 320 1.18 -43.85 0.62
CA HIS A 320 0.57 -43.70 1.92
C HIS A 320 -0.88 -43.27 1.73
N VAL A 321 -1.71 -43.64 2.72
CA VAL A 321 -3.16 -43.73 2.60
C VAL A 321 -3.77 -42.33 2.51
N TYR A 322 -3.28 -41.41 3.35
CA TYR A 322 -3.80 -40.06 3.43
C TYR A 322 -3.11 -39.11 2.45
N THR A 323 -2.39 -39.65 1.46
CA THR A 323 -1.65 -38.84 0.50
C THR A 323 -2.58 -37.92 -0.27
N THR A 324 -3.72 -38.47 -0.68
CA THR A 324 -4.70 -37.76 -1.48
C THR A 324 -5.63 -36.94 -0.58
N HIS A 325 -5.55 -37.18 0.74
CA HIS A 325 -6.64 -36.84 1.65
C HIS A 325 -6.29 -35.67 2.57
N ARG A 326 -5.01 -35.53 2.95
CA ARG A 326 -4.61 -34.43 3.82
C ARG A 326 -4.09 -33.25 3.01
N TYR A 327 -4.58 -32.04 3.33
CA TYR A 327 -4.07 -30.85 2.68
C TYR A 327 -2.57 -30.76 2.95
N SER A 328 -2.21 -30.83 4.23
CA SER A 328 -0.83 -30.76 4.68
C SER A 328 0.10 -31.59 3.80
N ILE A 329 -0.34 -32.78 3.39
CA ILE A 329 0.52 -33.61 2.57
C ILE A 329 0.66 -32.97 1.19
N LEU A 330 -0.46 -32.68 0.53
CA LEU A 330 -0.48 -32.22 -0.85
C LEU A 330 0.27 -30.89 -0.96
N LEU A 331 0.14 -30.09 0.09
CA LEU A 331 0.72 -28.76 0.15
C LEU A 331 2.24 -28.86 0.02
N CYS A 332 2.84 -29.69 0.88
CA CYS A 332 4.27 -29.97 0.91
C CYS A 332 4.71 -30.54 -0.44
N LEU A 333 3.99 -31.55 -0.93
CA LEU A 333 4.40 -32.23 -2.14
C LEU A 333 4.42 -31.23 -3.28
N ASN A 334 3.55 -30.20 -3.18
CA ASN A 334 3.38 -29.22 -4.26
C ASN A 334 4.68 -28.47 -4.47
N ASP A 335 5.38 -28.19 -3.37
CA ASP A 335 6.70 -27.59 -3.39
C ASP A 335 7.66 -28.49 -4.19
N MET A 336 7.72 -29.77 -3.84
CA MET A 336 8.79 -30.65 -4.28
C MET A 336 8.51 -31.15 -5.69
N ILE A 337 7.37 -31.78 -5.93
CA ILE A 337 7.22 -32.61 -7.12
C ILE A 337 5.91 -32.30 -7.82
N PRO A 338 5.70 -31.07 -8.35
CA PRO A 338 4.40 -30.72 -8.92
C PRO A 338 3.91 -31.73 -9.95
N GLU A 339 4.81 -32.22 -10.82
CA GLU A 339 4.38 -32.89 -12.04
C GLU A 339 4.16 -34.38 -11.83
N TYR A 340 4.49 -34.90 -10.64
CA TYR A 340 4.50 -36.32 -10.40
C TYR A 340 3.08 -36.86 -10.51
N LYS A 341 2.91 -37.99 -11.21
CA LYS A 341 1.62 -38.65 -11.35
C LYS A 341 1.78 -40.15 -11.20
N HIS A 342 1.61 -40.62 -9.96
CA HIS A 342 1.55 -42.02 -9.58
C HIS A 342 0.33 -42.68 -10.23
N ASN A 343 0.51 -43.93 -10.68
CA ASN A 343 -0.51 -44.76 -11.28
C ASN A 343 -1.84 -44.70 -10.53
N VAL A 344 -1.76 -44.61 -9.20
CA VAL A 344 -2.93 -44.79 -8.35
C VAL A 344 -3.56 -43.43 -8.05
N LEU A 345 -3.02 -42.36 -8.66
CA LEU A 345 -3.51 -41.01 -8.43
C LEU A 345 -4.30 -40.54 -9.65
N ASN A 346 -5.33 -39.72 -9.40
CA ASN A 346 -6.23 -39.22 -10.44
C ASN A 346 -5.50 -38.25 -11.37
N ASN A 347 -4.55 -37.50 -10.81
CA ASN A 347 -3.87 -36.45 -11.57
C ASN A 347 -2.50 -36.19 -10.98
N THR A 348 -1.81 -35.19 -11.53
CA THR A 348 -0.52 -34.71 -11.04
C THR A 348 -0.71 -34.11 -9.66
N ILE A 349 0.38 -34.05 -8.89
CA ILE A 349 0.36 -33.50 -7.54
C ILE A 349 -0.17 -32.08 -7.62
N ARG A 350 0.31 -31.31 -8.59
CA ARG A 350 -0.08 -29.90 -8.64
C ARG A 350 -1.58 -29.78 -8.90
N CYS A 351 -2.05 -30.46 -9.96
CA CYS A 351 -3.48 -30.49 -10.24
C CYS A 351 -4.27 -30.84 -8.98
N LEU A 352 -3.95 -31.99 -8.36
CA LEU A 352 -4.61 -32.45 -7.14
C LEU A 352 -4.67 -31.34 -6.08
N TYR A 353 -3.55 -30.63 -5.90
CA TYR A 353 -3.43 -29.56 -4.92
C TYR A 353 -4.40 -28.42 -5.27
N ASN A 354 -4.36 -27.95 -6.52
CA ASN A 354 -5.23 -26.87 -6.98
C ASN A 354 -6.69 -27.22 -6.72
N LYS A 355 -7.09 -28.41 -7.19
CA LYS A 355 -8.45 -28.91 -7.06
C LYS A 355 -8.82 -28.94 -5.58
N TYR A 356 -7.93 -29.46 -4.75
CA TYR A 356 -8.22 -29.53 -3.33
C TYR A 356 -8.45 -28.12 -2.79
N VAL A 357 -7.72 -27.15 -3.34
CA VAL A 357 -7.81 -25.77 -2.88
C VAL A 357 -9.13 -25.16 -3.35
N SER A 358 -9.39 -25.27 -4.66
CA SER A 358 -10.55 -24.61 -5.26
C SER A 358 -11.87 -25.22 -4.76
N ARG A 359 -11.86 -26.54 -4.49
CA ARG A 359 -13.05 -27.20 -3.97
C ARG A 359 -13.34 -26.72 -2.56
N MET A 360 -12.29 -26.36 -1.81
CA MET A 360 -12.46 -25.92 -0.43
C MET A 360 -12.92 -24.46 -0.37
N LYS A 361 -12.90 -23.79 -1.52
CA LYS A 361 -13.27 -22.39 -1.64
C LYS A 361 -14.78 -22.27 -1.84
N GLU A 362 -15.38 -23.33 -2.39
CA GLU A 362 -16.79 -23.34 -2.77
C GLU A 362 -17.59 -24.24 -1.83
N GLN A 363 -17.38 -25.55 -1.97
CA GLN A 363 -18.17 -26.59 -1.33
C GLN A 363 -18.25 -26.38 0.19
N TYR A 364 -17.29 -25.63 0.75
CA TYR A 364 -17.29 -25.36 2.18
C TYR A 364 -16.98 -23.89 2.44
N ASN A 365 -16.67 -23.15 1.36
CA ASN A 365 -16.21 -21.76 1.41
C ASN A 365 -15.25 -21.56 2.59
N ILE A 366 -13.98 -21.92 2.39
CA ILE A 366 -13.00 -21.91 3.48
C ILE A 366 -11.80 -21.02 3.15
N ASN A 367 -11.16 -21.23 2.00
CA ASN A 367 -9.88 -20.59 1.66
C ASN A 367 -8.79 -21.11 2.59
N ILE A 368 -8.35 -22.35 2.34
CA ILE A 368 -7.57 -23.17 3.26
C ILE A 368 -6.16 -22.62 3.45
N LYS A 369 -5.71 -21.73 2.56
CA LYS A 369 -4.38 -21.18 2.64
C LYS A 369 -4.15 -20.43 3.95
N GLU A 370 -5.20 -19.74 4.41
CA GLU A 370 -5.13 -18.76 5.48
C GLU A 370 -4.62 -19.38 6.78
N ASN A 371 -5.01 -20.63 7.05
CA ASN A 371 -4.70 -21.23 8.34
C ASN A 371 -3.61 -22.29 8.18
N ASN A 372 -2.96 -22.30 7.02
CA ASN A 372 -1.89 -23.25 6.73
C ASN A 372 -0.71 -22.52 6.12
N LYS A 373 0.27 -22.21 6.99
CA LYS A 373 1.21 -21.13 6.77
C LYS A 373 2.56 -21.68 6.32
N ARG A 374 3.17 -21.04 5.30
CA ARG A 374 4.52 -21.35 4.87
C ARG A 374 5.55 -20.77 5.83
N ILE A 375 6.57 -21.55 6.13
CA ILE A 375 7.55 -21.19 7.15
C ILE A 375 8.97 -21.22 6.59
N TYR A 376 9.77 -20.21 6.97
CA TYR A 376 11.19 -20.16 6.68
C TYR A 376 11.95 -20.03 8.00
N VAL A 377 13.24 -20.40 8.02
CA VAL A 377 14.00 -20.44 9.26
C VAL A 377 15.29 -19.64 9.10
N LEU A 378 15.65 -18.79 10.05
CA LEU A 378 16.89 -18.05 9.93
C LEU A 378 17.97 -18.62 10.84
N LYS A 379 17.65 -18.77 12.12
CA LYS A 379 18.54 -19.44 13.06
C LYS A 379 17.90 -20.77 13.44
N ASP A 380 16.94 -20.77 14.38
CA ASP A 380 16.36 -22.02 14.85
C ASP A 380 14.89 -21.86 15.21
N ARG A 381 14.33 -20.66 15.03
CA ARG A 381 12.93 -20.42 15.36
C ARG A 381 12.09 -20.49 14.10
N ILE A 382 10.76 -20.40 14.25
CA ILE A 382 9.86 -20.34 13.12
C ILE A 382 9.72 -18.88 12.71
N SER A 383 9.68 -18.65 11.38
CA SER A 383 9.21 -17.40 10.80
C SER A 383 8.03 -17.68 9.86
N TYR A 384 6.91 -16.97 10.05
CA TYR A 384 5.82 -17.14 9.10
C TYR A 384 6.10 -16.25 7.89
N LEU A 385 6.29 -16.87 6.71
CA LEU A 385 6.57 -16.13 5.49
C LEU A 385 5.57 -15.01 5.34
N LYS A 386 6.06 -13.78 5.16
CA LYS A 386 5.24 -12.63 4.79
C LYS A 386 4.52 -12.01 6.00
N GLU A 387 4.83 -12.49 7.21
CA GLU A 387 4.18 -11.97 8.41
C GLU A 387 5.00 -10.89 9.10
N LYS A 388 6.18 -10.53 8.57
CA LYS A 388 7.02 -9.56 9.27
C LYS A 388 8.12 -9.09 8.32
N THR A 389 8.62 -7.88 8.56
CA THR A 389 9.71 -7.28 7.83
C THR A 389 10.86 -7.04 8.80
N ASN A 390 11.79 -7.99 8.88
CA ASN A 390 12.93 -7.87 9.78
C ASN A 390 13.92 -6.87 9.22
N ILE A 391 14.63 -6.19 10.11
CA ILE A 391 15.71 -5.28 9.75
C ILE A 391 17.04 -6.01 9.93
N VAL A 392 17.89 -5.93 8.91
CA VAL A 392 19.21 -6.51 8.98
C VAL A 392 20.19 -5.34 9.06
N GLY A 393 20.97 -5.32 10.12
CA GLY A 393 21.93 -4.27 10.29
C GLY A 393 23.22 -4.59 9.55
N ILE A 394 23.69 -3.61 8.78
CA ILE A 394 24.94 -3.68 8.04
C ILE A 394 26.07 -3.25 8.97
N LEU A 395 27.10 -4.09 9.09
CA LEU A 395 28.35 -3.70 9.72
C LEU A 395 29.47 -3.90 8.71
N ASN A 396 30.01 -2.81 8.16
CA ASN A 396 31.21 -2.89 7.35
C ASN A 396 32.43 -2.70 8.23
N VAL A 397 33.18 -3.78 8.42
CA VAL A 397 34.53 -3.71 8.98
C VAL A 397 35.48 -3.38 7.82
N ASN A 398 35.55 -2.09 7.45
CA ASN A 398 36.22 -1.64 6.24
C ASN A 398 37.28 -0.58 6.57
N VAL A 409 37.98 -0.33 10.83
CA VAL A 409 37.20 -0.43 12.05
C VAL A 409 37.92 -1.35 13.03
N GLU A 410 38.14 -0.85 14.25
CA GLU A 410 38.82 -1.57 15.31
C GLU A 410 37.81 -2.52 15.98
N PRO A 411 38.22 -3.76 16.34
CA PRO A 411 37.32 -4.72 17.00
C PRO A 411 36.36 -4.20 18.08
N LYS A 412 36.85 -3.31 18.95
CA LYS A 412 36.04 -2.79 20.05
C LYS A 412 35.01 -1.78 19.55
N ARG A 413 35.42 -0.90 18.63
CA ARG A 413 34.53 0.07 18.02
C ARG A 413 33.42 -0.66 17.25
N ALA A 414 33.81 -1.76 16.57
CA ALA A 414 32.89 -2.55 15.78
C ALA A 414 31.84 -3.22 16.66
N VAL A 415 32.29 -3.96 17.69
CA VAL A 415 31.35 -4.66 18.55
C VAL A 415 30.45 -3.66 19.29
N GLN A 416 30.96 -2.44 19.49
CA GLN A 416 30.12 -1.40 20.05
C GLN A 416 28.95 -1.20 19.11
N ARG A 417 29.27 -1.03 17.81
CA ARG A 417 28.29 -0.72 16.79
C ARG A 417 27.23 -1.82 16.74
N MET A 418 27.64 -3.05 17.06
CA MET A 418 26.76 -4.21 16.98
C MET A 418 25.70 -4.13 18.07
N PHE A 419 26.13 -3.80 19.30
CA PHE A 419 25.25 -3.66 20.45
C PHE A 419 24.30 -2.47 20.27
N GLU A 420 24.80 -1.40 19.65
CA GLU A 420 23.97 -0.23 19.40
C GLU A 420 22.81 -0.63 18.47
N MET A 421 23.14 -1.47 17.48
CA MET A 421 22.23 -1.88 16.41
C MET A 421 21.14 -2.79 16.94
N ILE A 422 21.48 -3.68 17.89
CA ILE A 422 20.49 -4.56 18.51
C ILE A 422 19.46 -3.72 19.25
N ASN A 423 19.94 -2.64 19.90
CA ASN A 423 19.14 -1.76 20.72
C ASN A 423 18.32 -0.84 19.83
N GLU A 424 18.83 -0.54 18.63
CA GLU A 424 18.07 0.29 17.72
C GLU A 424 17.00 -0.57 17.05
N GLY A 425 17.09 -1.89 17.27
CA GLY A 425 16.02 -2.82 16.98
C GLY A 425 16.21 -3.64 15.71
N ALA A 426 17.46 -4.07 15.44
CA ALA A 426 17.77 -4.92 14.30
C ALA A 426 17.74 -6.39 14.74
N SER A 427 17.11 -7.27 13.95
CA SER A 427 16.99 -8.67 14.31
C SER A 427 18.19 -9.48 13.83
N VAL A 428 18.80 -9.03 12.73
CA VAL A 428 19.94 -9.71 12.16
C VAL A 428 21.01 -8.64 11.97
N ILE A 429 22.27 -9.00 12.23
CA ILE A 429 23.42 -8.22 11.80
C ILE A 429 24.12 -8.96 10.67
N ASP A 430 24.51 -8.22 9.62
CA ASP A 430 25.23 -8.74 8.46
C ASP A 430 26.60 -8.09 8.36
N ILE A 431 27.65 -8.79 8.84
CA ILE A 431 29.00 -8.25 8.90
C ILE A 431 29.80 -8.64 7.65
N GLY A 432 30.57 -7.67 7.13
CA GLY A 432 31.27 -7.79 5.87
C GLY A 432 32.69 -7.20 5.90
N GLY A 433 33.64 -7.94 5.32
CA GLY A 433 34.98 -7.45 5.09
C GLY A 433 35.13 -6.82 3.72
N GLU A 434 34.43 -7.38 2.71
CA GLU A 434 34.46 -6.87 1.35
C GLU A 434 33.61 -5.60 1.24
N SER A 435 33.86 -4.81 0.19
CA SER A 435 33.11 -3.60 -0.10
C SER A 435 32.27 -3.80 -1.37
N PRO A 442 38.85 -3.06 -3.24
CA PRO A 442 39.42 -3.56 -1.99
C PRO A 442 40.80 -2.97 -1.65
N ASN A 443 41.30 -3.33 -0.46
CA ASN A 443 42.55 -2.84 0.10
C ASN A 443 43.45 -4.04 0.41
N PRO A 444 44.74 -4.04 0.00
CA PRO A 444 45.63 -5.18 0.18
C PRO A 444 46.27 -5.37 1.56
N LYS A 445 46.10 -4.38 2.45
CA LYS A 445 46.83 -4.34 3.72
C LYS A 445 46.32 -5.40 4.70
N ILE A 446 44.99 -5.54 4.83
CA ILE A 446 44.42 -6.47 5.78
C ILE A 446 43.40 -7.38 5.09
N SER A 447 43.55 -8.70 5.34
CA SER A 447 42.73 -9.74 4.72
C SER A 447 41.35 -9.79 5.36
N GLU A 448 40.32 -10.05 4.54
CA GLU A 448 38.94 -10.16 5.01
C GLU A 448 38.93 -10.94 6.33
N ARG A 449 39.58 -12.10 6.36
CA ARG A 449 39.61 -12.90 7.58
C ARG A 449 39.98 -12.01 8.76
N ASP A 450 41.04 -11.22 8.58
CA ASP A 450 41.65 -10.48 9.66
C ASP A 450 40.79 -9.29 10.09
N LEU A 451 39.91 -8.81 9.19
CA LEU A 451 38.92 -7.81 9.54
C LEU A 451 37.76 -8.44 10.30
N VAL A 452 37.10 -9.46 9.73
CA VAL A 452 35.82 -9.89 10.27
C VAL A 452 35.95 -10.84 11.46
N VAL A 453 36.86 -11.82 11.40
CA VAL A 453 36.87 -12.87 12.41
C VAL A 453 37.09 -12.30 13.81
N PRO A 454 38.14 -11.49 14.06
CA PRO A 454 38.29 -10.82 15.35
C PRO A 454 36.98 -10.21 15.86
N VAL A 455 36.31 -9.41 15.00
CA VAL A 455 35.09 -8.74 15.40
C VAL A 455 34.04 -9.72 15.89
N LEU A 456 33.78 -10.78 15.11
CA LEU A 456 32.81 -11.79 15.49
C LEU A 456 33.26 -12.54 16.75
N GLN A 457 34.56 -12.54 17.04
CA GLN A 457 35.04 -13.30 18.18
C GLN A 457 34.78 -12.48 19.43
N LEU A 458 35.03 -11.16 19.31
CA LEU A 458 34.82 -10.22 20.39
C LEU A 458 33.33 -10.19 20.74
N PHE A 459 32.49 -10.09 19.71
CA PHE A 459 31.06 -10.10 19.89
C PHE A 459 30.62 -11.36 20.63
N GLN A 460 31.11 -12.52 20.19
CA GLN A 460 30.70 -13.79 20.78
C GLN A 460 31.03 -13.80 22.27
N LYS A 461 32.15 -13.19 22.64
CA LYS A 461 32.64 -13.26 24.00
C LYS A 461 31.88 -12.28 24.87
N GLU A 462 31.82 -11.02 24.41
CA GLU A 462 31.30 -9.90 25.16
C GLU A 462 29.80 -10.07 25.42
N TRP A 463 29.11 -10.76 24.50
CA TRP A 463 27.71 -11.14 24.69
C TRP A 463 27.60 -12.17 25.81
N ASN A 464 28.64 -13.01 25.94
CA ASN A 464 28.65 -14.16 26.82
C ASN A 464 28.87 -13.74 28.27
N ASP A 465 29.50 -12.57 28.47
CA ASP A 465 29.79 -12.05 29.80
C ASP A 465 28.50 -11.58 30.45
N ILE A 466 27.45 -11.46 29.63
CA ILE A 466 26.11 -11.11 30.05
C ILE A 466 25.26 -12.39 30.03
N LYS A 467 25.91 -13.53 30.31
CA LYS A 467 25.27 -14.84 30.31
C LYS A 467 24.89 -15.26 31.74
N ASN A 468 24.45 -14.27 32.54
CA ASN A 468 23.83 -14.51 33.83
C ASN A 468 22.42 -13.94 33.82
N LYS A 469 22.11 -13.16 32.77
CA LYS A 469 20.80 -12.54 32.59
C LYS A 469 20.00 -13.37 31.60
N ILE A 470 19.32 -14.40 32.12
CA ILE A 470 18.68 -15.46 31.33
C ILE A 470 17.39 -14.96 30.69
N VAL A 471 17.21 -13.63 30.66
CA VAL A 471 16.05 -13.02 30.03
C VAL A 471 16.50 -12.18 28.83
N LYS A 472 17.66 -11.52 28.99
CA LYS A 472 18.22 -10.66 27.95
C LYS A 472 18.73 -11.51 26.78
N CYS A 473 18.96 -12.81 27.03
CA CYS A 473 19.65 -13.69 26.09
C CYS A 473 18.69 -14.35 25.09
N ASP A 474 17.43 -13.89 25.05
CA ASP A 474 16.48 -14.25 24.01
C ASP A 474 16.63 -13.26 22.85
N ALA A 475 17.04 -12.03 23.19
CA ALA A 475 17.18 -10.92 22.25
C ALA A 475 18.56 -10.94 21.58
N LYS A 476 19.14 -12.16 21.45
CA LYS A 476 20.37 -12.34 20.70
C LYS A 476 20.07 -12.13 19.23
N PRO A 477 20.88 -11.33 18.51
CA PRO A 477 20.68 -11.16 17.07
C PRO A 477 21.22 -12.34 16.29
N ILE A 478 20.54 -12.63 15.17
CA ILE A 478 21.09 -13.55 14.20
C ILE A 478 22.24 -12.85 13.47
N ILE A 479 23.35 -13.58 13.30
CA ILE A 479 24.58 -13.07 12.73
C ILE A 479 24.74 -13.66 11.33
N SER A 480 24.91 -12.74 10.36
CA SER A 480 25.01 -13.05 8.94
C SER A 480 26.35 -12.52 8.45
N ILE A 481 27.20 -13.42 7.93
CA ILE A 481 28.47 -13.05 7.34
C ILE A 481 28.30 -12.86 5.83
N ASP A 482 28.56 -11.63 5.37
CA ASP A 482 28.58 -11.29 3.96
C ASP A 482 29.92 -11.73 3.37
N THR A 483 29.95 -12.86 2.66
CA THR A 483 31.21 -13.41 2.17
C THR A 483 30.94 -14.35 1.00
N ILE A 484 31.93 -14.48 0.11
CA ILE A 484 31.89 -15.46 -0.96
C ILE A 484 33.07 -16.41 -0.83
N ASN A 485 33.91 -16.21 0.19
CA ASN A 485 35.14 -16.99 0.31
C ASN A 485 34.96 -18.08 1.36
N TYR A 486 34.99 -19.32 0.87
CA TYR A 486 35.04 -20.57 1.60
C TYR A 486 35.82 -20.45 2.92
N ASN A 487 37.05 -19.92 2.85
CA ASN A 487 37.96 -19.97 3.98
C ASN A 487 37.39 -19.16 5.14
N VAL A 488 36.87 -17.96 4.84
CA VAL A 488 36.30 -17.09 5.86
C VAL A 488 35.13 -17.81 6.54
N PHE A 489 34.19 -18.32 5.74
CA PHE A 489 32.96 -18.89 6.27
C PHE A 489 33.28 -20.15 7.06
N LYS A 490 34.36 -20.84 6.67
CA LYS A 490 34.75 -22.06 7.34
C LYS A 490 35.20 -21.71 8.75
N GLU A 491 36.04 -20.68 8.86
CA GLU A 491 36.54 -20.29 10.16
C GLU A 491 35.38 -19.83 11.03
N CYS A 492 34.41 -19.16 10.42
CA CYS A 492 33.26 -18.63 11.14
C CYS A 492 32.44 -19.77 11.68
N VAL A 493 32.12 -20.71 10.79
CA VAL A 493 31.23 -21.80 11.12
C VAL A 493 31.91 -22.69 12.17
N ASP A 494 33.22 -22.90 12.03
CA ASP A 494 33.93 -23.81 12.91
C ASP A 494 33.86 -23.30 14.34
N ASN A 495 33.72 -21.98 14.51
CA ASN A 495 33.84 -21.36 15.81
C ASN A 495 32.49 -20.77 16.26
N ASP A 496 31.39 -21.33 15.74
CA ASP A 496 30.04 -20.86 16.02
C ASP A 496 30.01 -19.34 16.13
N LEU A 497 30.28 -18.65 15.03
CA LEU A 497 30.42 -17.20 15.02
C LEU A 497 29.26 -16.59 14.22
N VAL A 498 28.63 -17.38 13.36
CA VAL A 498 27.61 -16.88 12.45
C VAL A 498 26.50 -17.91 12.34
N ASP A 499 25.35 -17.49 11.81
CA ASP A 499 24.20 -18.35 11.64
C ASP A 499 23.84 -18.47 10.17
N ILE A 500 24.03 -17.38 9.42
CA ILE A 500 23.55 -17.29 8.05
C ILE A 500 24.75 -16.98 7.16
N LEU A 501 24.81 -17.61 5.98
CA LEU A 501 25.77 -17.19 4.97
C LEU A 501 25.09 -16.29 3.94
N ASN A 502 25.53 -15.04 3.85
CA ASN A 502 25.05 -14.12 2.83
C ASN A 502 26.02 -14.15 1.64
N ASP A 503 25.76 -15.03 0.67
CA ASP A 503 26.64 -15.18 -0.48
C ASP A 503 26.15 -14.34 -1.66
N ILE A 504 26.84 -13.25 -1.98
CA ILE A 504 26.35 -12.35 -3.01
C ILE A 504 26.55 -12.96 -4.39
N SER A 505 27.15 -14.15 -4.47
CA SER A 505 27.39 -14.77 -5.76
C SER A 505 26.43 -15.94 -6.01
N ALA A 506 25.52 -16.17 -5.04
CA ALA A 506 24.58 -17.28 -5.06
C ALA A 506 25.34 -18.61 -4.93
N CYS A 507 26.45 -18.59 -4.18
CA CYS A 507 27.34 -19.74 -4.09
C CYS A 507 27.79 -20.19 -5.48
N THR A 508 27.95 -19.24 -6.39
CA THR A 508 28.38 -19.48 -7.75
C THR A 508 29.90 -19.51 -7.79
N ASN A 509 30.49 -18.63 -6.99
CA ASN A 509 31.90 -18.36 -7.00
C ASN A 509 32.66 -19.62 -6.57
N ASN A 510 32.28 -20.18 -5.42
CA ASN A 510 32.85 -21.44 -5.01
C ASN A 510 31.76 -22.30 -4.36
N PRO A 511 31.06 -23.11 -5.18
CA PRO A 511 30.00 -23.98 -4.68
C PRO A 511 30.41 -24.93 -3.56
N GLU A 512 31.72 -25.13 -3.42
CA GLU A 512 32.18 -25.93 -2.31
C GLU A 512 31.57 -25.42 -1.00
N ILE A 513 31.36 -24.10 -0.87
CA ILE A 513 30.82 -23.49 0.33
C ILE A 513 29.55 -24.23 0.79
N ILE A 514 28.78 -24.74 -0.17
CA ILE A 514 27.51 -25.34 0.15
C ILE A 514 27.76 -26.50 1.11
N LYS A 515 28.93 -27.13 1.00
CA LYS A 515 29.24 -28.26 1.87
C LYS A 515 29.28 -27.81 3.33
N LEU A 516 29.46 -26.50 3.55
CA LEU A 516 29.63 -25.99 4.91
C LEU A 516 28.30 -25.53 5.50
N LEU A 517 27.18 -25.76 4.81
CA LEU A 517 25.93 -25.18 5.28
C LEU A 517 25.22 -26.21 6.14
N LYS A 518 25.81 -27.42 6.21
CA LYS A 518 25.31 -28.50 7.05
C LYS A 518 26.45 -29.11 7.85
N LYS A 519 26.09 -29.66 9.02
CA LYS A 519 26.96 -30.43 9.90
C LYS A 519 26.16 -31.63 10.39
N LYS A 520 26.83 -32.51 11.16
CA LYS A 520 26.16 -33.65 11.76
C LYS A 520 24.86 -33.16 12.38
N ASN A 521 24.88 -31.93 12.91
CA ASN A 521 23.71 -31.46 13.64
C ASN A 521 23.12 -30.15 13.12
N LYS A 522 23.91 -29.07 13.06
CA LYS A 522 23.38 -27.79 12.62
C LYS A 522 23.00 -27.88 11.15
N PHE A 523 22.02 -27.06 10.75
CA PHE A 523 21.87 -26.60 9.38
C PHE A 523 22.06 -25.08 9.40
N TYR A 524 22.39 -24.48 8.25
CA TYR A 524 22.58 -23.04 8.22
C TYR A 524 21.82 -22.46 7.05
N SER A 525 21.24 -21.29 7.25
CA SER A 525 20.45 -20.64 6.21
C SER A 525 21.35 -19.81 5.31
N VAL A 526 20.87 -19.53 4.09
CA VAL A 526 21.73 -18.86 3.13
C VAL A 526 20.90 -17.83 2.37
N VAL A 527 21.42 -16.63 2.20
CA VAL A 527 20.81 -15.68 1.28
C VAL A 527 21.50 -15.86 -0.09
N LEU A 528 20.70 -16.03 -1.14
CA LEU A 528 21.21 -16.15 -2.50
C LEU A 528 20.91 -14.87 -3.25
N MET A 529 21.94 -14.09 -3.56
CA MET A 529 21.75 -12.86 -4.31
C MET A 529 22.07 -13.09 -5.79
N HIS A 530 21.35 -12.38 -6.68
CA HIS A 530 21.71 -12.34 -8.08
C HIS A 530 22.56 -11.13 -8.37
N LYS A 531 23.67 -11.35 -9.11
CA LYS A 531 24.52 -10.31 -9.66
C LYS A 531 25.15 -10.84 -10.95
N ARG A 532 25.81 -9.95 -11.70
CA ARG A 532 26.63 -10.39 -12.83
C ARG A 532 28.04 -9.87 -12.67
N GLY A 533 29.01 -10.69 -13.11
CA GLY A 533 30.40 -10.26 -13.18
C GLY A 533 30.92 -9.84 -11.79
N ASN A 534 31.81 -8.85 -11.79
CA ASN A 534 32.42 -8.36 -10.57
C ASN A 534 32.24 -6.84 -10.51
N PRO A 535 32.62 -6.17 -9.40
CA PRO A 535 32.45 -4.73 -9.23
C PRO A 535 32.89 -3.77 -10.36
N HIS A 536 33.94 -4.14 -11.10
CA HIS A 536 34.45 -3.31 -12.18
C HIS A 536 33.63 -3.53 -13.44
N THR A 537 33.35 -4.81 -13.74
CA THR A 537 32.68 -5.24 -14.96
C THR A 537 31.19 -4.88 -14.91
N MET A 538 30.58 -4.91 -13.71
CA MET A 538 29.14 -5.13 -13.60
C MET A 538 28.32 -3.98 -14.19
N ASP A 539 28.84 -2.74 -14.14
CA ASP A 539 28.12 -1.57 -14.66
C ASP A 539 27.91 -1.70 -16.17
N LYS A 540 28.49 -2.74 -16.78
CA LYS A 540 28.42 -2.90 -18.22
C LYS A 540 27.61 -4.15 -18.57
N LEU A 541 27.38 -5.03 -17.59
CA LEU A 541 26.70 -6.29 -17.85
C LEU A 541 25.20 -6.17 -17.61
N THR A 542 24.55 -5.35 -18.46
CA THR A 542 23.29 -4.73 -18.10
C THR A 542 22.19 -5.06 -19.11
N ASN A 543 22.43 -6.02 -20.00
CA ASN A 543 21.38 -6.37 -20.94
C ASN A 543 20.63 -7.60 -20.44
N TYR A 544 19.31 -7.50 -20.45
CA TYR A 544 18.42 -8.58 -20.03
C TYR A 544 17.31 -8.72 -21.07
N ASP A 545 16.91 -9.95 -21.38
CA ASP A 545 15.80 -10.16 -22.30
C ASP A 545 14.50 -9.87 -21.55
N ASN A 546 14.39 -10.42 -20.35
CA ASN A 546 13.21 -10.29 -19.52
C ASN A 546 13.69 -10.10 -18.08
N LEU A 547 14.16 -8.88 -17.77
CA LEU A 547 14.78 -8.55 -16.49
C LEU A 547 14.10 -9.30 -15.35
N VAL A 548 12.82 -9.01 -15.10
CA VAL A 548 12.17 -9.47 -13.87
C VAL A 548 12.23 -11.00 -13.77
N TYR A 549 11.98 -11.70 -14.89
CA TYR A 549 11.86 -13.15 -14.85
C TYR A 549 13.21 -13.84 -15.01
N ASP A 550 14.10 -13.24 -15.80
CA ASP A 550 15.48 -13.70 -15.85
C ASP A 550 16.00 -13.89 -14.43
N ILE A 551 15.90 -12.83 -13.61
CA ILE A 551 16.51 -12.84 -12.30
C ILE A 551 15.82 -13.87 -11.42
N LYS A 552 14.48 -13.89 -11.45
CA LYS A 552 13.69 -14.81 -10.64
C LYS A 552 14.05 -16.23 -11.01
N ASN A 553 14.12 -16.50 -12.31
CA ASN A 553 14.42 -17.83 -12.81
C ASN A 553 15.84 -18.25 -12.39
N TYR A 554 16.77 -17.27 -12.38
CA TYR A 554 18.15 -17.50 -11.98
C TYR A 554 18.15 -17.96 -10.53
N LEU A 555 17.37 -17.26 -9.72
CA LEU A 555 17.34 -17.51 -8.29
C LEU A 555 16.74 -18.89 -8.05
N GLU A 556 15.72 -19.21 -8.85
CA GLU A 556 15.04 -20.49 -8.76
C GLU A 556 16.04 -21.61 -9.03
N GLN A 557 16.80 -21.51 -10.12
CA GLN A 557 17.77 -22.53 -10.49
C GLN A 557 18.80 -22.73 -9.37
N ARG A 558 19.33 -21.61 -8.86
CA ARG A 558 20.22 -21.61 -7.71
C ARG A 558 19.59 -22.42 -6.57
N LEU A 559 18.34 -22.06 -6.19
CA LEU A 559 17.66 -22.75 -5.11
C LEU A 559 17.67 -24.25 -5.39
N ASN A 560 17.28 -24.64 -6.62
CA ASN A 560 17.12 -26.02 -7.00
C ASN A 560 18.43 -26.75 -6.79
N PHE A 561 19.54 -26.03 -7.02
CA PHE A 561 20.87 -26.61 -6.90
C PHE A 561 21.20 -26.92 -5.43
N LEU A 562 20.90 -25.99 -4.52
CA LEU A 562 21.21 -26.26 -3.11
C LEU A 562 20.29 -27.39 -2.63
N VAL A 563 19.09 -27.42 -3.21
CA VAL A 563 18.03 -28.28 -2.72
C VAL A 563 18.37 -29.70 -3.18
N LEU A 564 18.86 -29.80 -4.42
CA LEU A 564 19.41 -31.06 -4.89
C LEU A 564 20.50 -31.54 -3.93
N ASN A 565 21.18 -30.60 -3.25
CA ASN A 565 22.42 -30.87 -2.56
C ASN A 565 22.20 -30.87 -1.05
N GLY A 566 20.92 -30.93 -0.65
CA GLY A 566 20.56 -31.25 0.73
C GLY A 566 20.28 -30.03 1.60
N ILE A 567 20.28 -28.84 1.00
CA ILE A 567 19.95 -27.65 1.76
C ILE A 567 18.42 -27.57 1.95
N PRO A 568 17.90 -27.59 3.20
CA PRO A 568 16.47 -27.40 3.44
C PRO A 568 15.98 -26.14 2.72
N ARG A 569 14.92 -26.32 1.93
CA ARG A 569 14.39 -25.32 1.02
C ARG A 569 13.89 -24.10 1.77
N TYR A 570 13.62 -24.26 3.07
CA TYR A 570 13.09 -23.20 3.89
C TYR A 570 14.22 -22.38 4.51
N ARG A 571 15.47 -22.73 4.19
CA ARG A 571 16.62 -22.05 4.77
C ARG A 571 17.21 -21.13 3.72
N ILE A 572 16.60 -21.14 2.53
CA ILE A 572 17.13 -20.40 1.40
C ILE A 572 16.32 -19.13 1.26
N LEU A 573 17.01 -18.00 1.19
CA LEU A 573 16.39 -16.68 1.02
C LEU A 573 16.84 -16.10 -0.32
N PHE A 574 15.90 -15.46 -1.04
CA PHE A 574 16.20 -14.92 -2.35
C PHE A 574 16.42 -13.42 -2.24
N ASP A 575 17.33 -12.89 -3.07
CA ASP A 575 17.64 -11.48 -3.06
C ASP A 575 17.91 -11.02 -4.49
N ILE A 576 17.22 -9.96 -4.91
CA ILE A 576 17.29 -9.59 -6.31
C ILE A 576 18.57 -8.84 -6.65
N GLY A 577 19.43 -8.59 -5.65
CA GLY A 577 20.65 -7.79 -5.81
C GLY A 577 20.48 -6.45 -6.54
N LEU A 578 19.65 -5.54 -6.01
CA LEU A 578 19.52 -4.18 -6.51
C LEU A 578 20.91 -3.56 -6.66
N GLY A 579 21.15 -2.92 -7.80
CA GLY A 579 22.37 -2.14 -8.01
C GLY A 579 23.61 -2.98 -8.30
N PHE A 580 23.45 -4.28 -8.53
CA PHE A 580 24.54 -5.12 -9.01
C PHE A 580 24.18 -5.59 -10.42
N ALA A 581 24.77 -4.92 -11.42
CA ALA A 581 24.57 -5.26 -12.83
C ALA A 581 23.14 -4.91 -13.21
N LYS A 582 22.75 -3.69 -12.83
CA LYS A 582 21.42 -3.15 -13.09
C LYS A 582 21.55 -1.64 -13.18
N LYS A 583 20.97 -1.04 -14.22
CA LYS A 583 20.89 0.40 -14.32
C LYS A 583 19.87 0.88 -13.28
N HIS A 584 19.87 2.18 -12.99
CA HIS A 584 19.02 2.69 -11.94
C HIS A 584 17.55 2.36 -12.23
N ASP A 585 17.13 2.57 -13.48
CA ASP A 585 15.73 2.34 -13.86
C ASP A 585 15.39 0.87 -13.67
N GLN A 586 16.41 0.02 -13.71
CA GLN A 586 16.25 -1.43 -13.68
C GLN A 586 16.08 -1.88 -12.23
N SER A 587 16.83 -1.23 -11.32
CA SER A 587 16.70 -1.47 -9.90
C SER A 587 15.31 -1.09 -9.42
N ILE A 588 14.71 -0.05 -10.05
CA ILE A 588 13.36 0.41 -9.72
C ILE A 588 12.35 -0.54 -10.34
N LYS A 589 12.68 -1.07 -11.53
CA LYS A 589 11.75 -1.92 -12.25
C LYS A 589 11.55 -3.19 -11.44
N LEU A 590 12.63 -3.64 -10.80
CA LEU A 590 12.63 -4.87 -10.03
C LEU A 590 11.76 -4.68 -8.80
N LEU A 591 11.90 -3.52 -8.14
CA LEU A 591 11.10 -3.24 -6.94
C LEU A 591 9.61 -3.19 -7.31
N GLN A 592 9.31 -2.47 -8.39
CA GLN A 592 7.92 -2.39 -8.79
C GLN A 592 7.34 -3.80 -8.96
N ASN A 593 8.19 -4.78 -9.31
CA ASN A 593 7.68 -6.10 -9.62
C ASN A 593 8.06 -7.11 -8.54
N ILE A 594 8.19 -6.66 -7.30
CA ILE A 594 8.61 -7.51 -6.20
C ILE A 594 7.53 -8.53 -5.86
N HIS A 595 6.28 -8.29 -6.30
CA HIS A 595 5.15 -9.19 -6.07
C HIS A 595 5.47 -10.60 -6.59
N VAL A 596 6.41 -10.64 -7.54
CA VAL A 596 6.85 -11.85 -8.19
C VAL A 596 7.46 -12.82 -7.16
N TYR A 597 7.81 -12.30 -5.98
CA TYR A 597 8.45 -13.10 -4.95
C TYR A 597 7.50 -13.30 -3.77
N ASP A 598 6.19 -13.18 -4.05
CA ASP A 598 5.15 -13.44 -3.07
C ASP A 598 5.28 -14.83 -2.46
N GLU A 599 5.89 -15.77 -3.18
CA GLU A 599 5.87 -17.10 -2.62
C GLU A 599 7.11 -17.38 -1.78
N TYR A 600 8.14 -16.51 -1.86
CA TYR A 600 9.45 -16.90 -1.37
C TYR A 600 9.92 -16.01 -0.23
N PRO A 601 10.82 -16.51 0.66
CA PRO A 601 11.56 -15.65 1.60
C PRO A 601 12.30 -14.58 0.81
N LEU A 602 12.13 -13.31 1.19
CA LEU A 602 12.74 -12.28 0.38
C LEU A 602 13.59 -11.34 1.23
N PHE A 603 14.86 -11.21 0.83
CA PHE A 603 15.85 -10.36 1.46
C PHE A 603 16.16 -9.29 0.41
N ILE A 604 16.31 -8.03 0.83
CA ILE A 604 16.71 -6.98 -0.11
C ILE A 604 17.62 -5.98 0.59
N GLY A 605 18.49 -5.36 -0.20
CA GLY A 605 19.28 -4.24 0.25
C GLY A 605 19.19 -3.12 -0.77
N TYR A 606 18.58 -1.99 -0.38
CA TYR A 606 18.51 -0.82 -1.22
C TYR A 606 19.39 0.26 -0.60
N SER A 607 19.92 -0.02 0.60
CA SER A 607 20.36 1.02 1.52
C SER A 607 21.55 1.79 0.98
N ARG A 608 21.33 3.09 0.74
CA ARG A 608 22.35 4.06 0.38
C ARG A 608 22.90 3.77 -1.01
N LYS A 609 22.08 3.18 -1.89
CA LYS A 609 22.52 2.86 -3.23
C LYS A 609 22.23 4.06 -4.14
N ARG A 610 22.88 4.11 -5.31
CA ARG A 610 22.88 5.33 -6.08
C ARG A 610 21.52 5.50 -6.76
N PHE A 611 20.83 4.38 -6.99
CA PHE A 611 19.61 4.43 -7.77
C PHE A 611 18.58 5.29 -7.05
N ILE A 612 18.65 5.33 -5.71
CA ILE A 612 17.72 6.09 -4.91
C ILE A 612 17.79 7.56 -5.34
N SER A 613 18.99 8.15 -5.28
CA SER A 613 19.27 9.53 -5.59
C SER A 613 18.80 9.91 -6.99
N HIS A 614 18.85 8.94 -7.93
CA HIS A 614 18.60 9.17 -9.34
C HIS A 614 17.13 9.58 -9.57
N CYS A 615 16.24 9.10 -8.70
CA CYS A 615 14.79 9.29 -8.81
C CYS A 615 14.39 10.75 -8.57
N MET A 616 15.17 11.44 -7.74
CA MET A 616 14.83 12.76 -7.22
C MET A 616 15.26 13.83 -8.23
N ASN A 617 14.69 15.04 -8.09
CA ASN A 617 14.86 16.11 -9.07
C ASN A 617 15.76 17.23 -8.51
N ASP A 618 17.06 17.12 -8.79
CA ASP A 618 18.12 17.95 -8.21
C ASP A 618 17.79 19.44 -8.34
N LYS A 658 27.41 22.23 1.26
CA LYS A 658 27.31 20.93 1.94
C LYS A 658 26.46 20.00 1.07
N ASP A 659 27.12 19.00 0.46
CA ASP A 659 26.43 17.91 -0.22
C ASP A 659 26.49 16.65 0.66
N GLN A 660 26.50 16.89 1.98
CA GLN A 660 25.99 15.96 2.98
C GLN A 660 24.48 15.94 2.85
N LEU A 661 23.96 16.88 2.05
CA LEU A 661 22.56 17.00 1.69
C LEU A 661 22.14 15.76 0.89
N LEU A 662 22.96 15.37 -0.08
CA LEU A 662 22.59 14.26 -0.94
C LEU A 662 22.60 12.95 -0.16
N TYR A 663 23.44 12.86 0.87
CA TYR A 663 23.40 11.72 1.78
C TYR A 663 22.02 11.60 2.41
N GLN A 664 21.43 12.74 2.80
CA GLN A 664 20.15 12.76 3.48
C GLN A 664 19.05 12.24 2.58
N LYS A 665 18.84 12.94 1.45
CA LYS A 665 17.83 12.58 0.46
C LYS A 665 17.90 11.08 0.19
N ASN A 666 19.09 10.51 0.32
CA ASN A 666 19.31 9.10 0.03
C ASN A 666 18.84 8.26 1.21
N ILE A 667 19.18 8.69 2.43
CA ILE A 667 18.73 7.98 3.61
C ILE A 667 17.21 8.01 3.64
N CYS A 668 16.66 9.19 3.30
CA CYS A 668 15.25 9.46 3.51
C CYS A 668 14.44 8.75 2.43
N GLY A 669 14.96 8.76 1.19
CA GLY A 669 14.37 7.97 0.11
C GLY A 669 14.46 6.47 0.42
N GLY A 670 15.52 6.10 1.16
CA GLY A 670 15.65 4.77 1.72
C GLY A 670 14.41 4.40 2.52
N LEU A 671 13.91 5.37 3.30
CA LEU A 671 12.81 5.10 4.21
C LEU A 671 11.49 4.97 3.45
N ALA A 672 11.40 5.63 2.28
CA ALA A 672 10.26 5.36 1.41
C ALA A 672 10.25 3.89 0.99
N ILE A 673 11.42 3.36 0.59
CA ILE A 673 11.53 1.96 0.21
C ILE A 673 11.26 1.04 1.40
N ALA A 674 11.62 1.44 2.62
CA ALA A 674 11.21 0.64 3.76
C ALA A 674 9.70 0.58 3.83
N SER A 675 9.01 1.69 3.54
CA SER A 675 7.57 1.72 3.56
C SER A 675 6.99 0.71 2.57
N TYR A 676 7.56 0.72 1.36
CA TYR A 676 7.04 -0.09 0.27
C TYR A 676 7.33 -1.56 0.56
N SER A 677 8.49 -1.80 1.18
CA SER A 677 8.91 -3.14 1.56
C SER A 677 7.95 -3.72 2.57
N TYR A 678 7.49 -2.86 3.48
CA TYR A 678 6.60 -3.23 4.55
C TYR A 678 5.22 -3.64 4.02
N TYR A 679 4.67 -2.87 3.08
CA TYR A 679 3.36 -3.14 2.52
C TYR A 679 3.42 -4.24 1.47
N LYS A 680 4.58 -4.41 0.85
CA LYS A 680 4.79 -5.51 -0.09
C LYS A 680 5.29 -6.73 0.68
N LYS A 681 5.37 -6.59 2.01
CA LYS A 681 5.60 -7.67 2.95
C LYS A 681 6.94 -8.37 2.74
N VAL A 682 7.95 -7.59 2.31
CA VAL A 682 9.28 -8.11 2.15
C VAL A 682 9.74 -8.70 3.48
N ASP A 683 10.45 -9.82 3.42
CA ASP A 683 10.82 -10.57 4.61
C ASP A 683 11.97 -9.90 5.35
N LEU A 684 13.07 -9.60 4.65
CA LEU A 684 14.20 -8.93 5.30
C LEU A 684 14.67 -7.74 4.48
N ILE A 685 15.03 -6.66 5.19
CA ILE A 685 15.68 -5.53 4.57
C ILE A 685 16.97 -5.24 5.33
N ARG A 686 18.05 -5.13 4.55
CA ARG A 686 19.41 -4.92 4.99
C ARG A 686 19.69 -3.43 4.89
N VAL A 687 20.03 -2.81 6.02
CA VAL A 687 20.03 -1.36 6.06
C VAL A 687 21.18 -0.86 6.95
N HIS A 688 21.60 0.39 6.69
CA HIS A 688 22.57 1.05 7.53
C HIS A 688 21.87 1.69 8.72
N ASP A 689 20.66 2.21 8.50
CA ASP A 689 20.05 3.18 9.39
C ASP A 689 18.97 2.49 10.23
N VAL A 690 19.39 1.81 11.30
CA VAL A 690 18.50 0.92 12.02
C VAL A 690 17.40 1.71 12.76
N LEU A 691 17.76 2.79 13.44
CA LEU A 691 16.77 3.53 14.20
C LEU A 691 15.72 4.13 13.26
N GLU A 692 16.16 4.72 12.15
CA GLU A 692 15.23 5.31 11.18
C GLU A 692 14.36 4.22 10.56
N THR A 693 14.94 3.06 10.34
CA THR A 693 14.17 2.03 9.66
C THR A 693 13.15 1.47 10.66
N LYS A 694 13.52 1.42 11.94
CA LYS A 694 12.63 0.85 12.95
C LYS A 694 11.47 1.79 13.22
N SER A 695 11.76 3.09 13.26
CA SER A 695 10.74 4.10 13.49
C SER A 695 9.67 4.07 12.40
N VAL A 696 10.06 3.80 11.15
CA VAL A 696 9.08 3.79 10.07
C VAL A 696 8.20 2.57 10.25
N LEU A 697 8.87 1.42 10.39
CA LEU A 697 8.18 0.14 10.49
C LEU A 697 7.25 0.08 11.71
N ASP A 698 7.67 0.67 12.84
CA ASP A 698 6.88 0.63 14.06
C ASP A 698 5.56 1.38 13.85
N VAL A 699 5.68 2.59 13.28
CA VAL A 699 4.54 3.45 13.02
C VAL A 699 3.60 2.76 12.03
N LEU A 700 4.16 2.24 10.93
CA LEU A 700 3.30 1.65 9.92
C LEU A 700 2.55 0.46 10.52
N THR A 701 3.23 -0.27 11.41
CA THR A 701 2.65 -1.45 12.06
C THR A 701 1.50 -1.07 12.98
N LYS A 702 1.67 0.04 13.71
CA LYS A 702 0.60 0.54 14.56
C LYS A 702 -0.60 0.87 13.68
N ILE A 703 -0.40 1.67 12.62
CA ILE A 703 -1.51 2.08 11.77
C ILE A 703 -2.30 0.85 11.33
N ASP A 704 -1.61 -0.26 11.11
CA ASP A 704 -2.22 -1.48 10.60
C ASP A 704 -2.95 -2.25 11.70
N GLN A 705 -2.47 -2.17 12.96
CA GLN A 705 -3.06 -2.97 14.01
C GLN A 705 -4.39 -2.35 14.44
N VAL A 706 -5.50 -3.01 14.06
CA VAL A 706 -6.84 -2.52 14.38
C VAL A 706 -7.25 -2.97 15.79
N LYS A 707 -7.50 -1.97 16.65
CA LYS A 707 -7.82 -2.12 18.06
C LYS A 707 -9.31 -2.43 18.22
N ASP A 708 -9.64 -3.13 19.32
CA ASP A 708 -11.00 -3.58 19.61
C ASP A 708 -11.62 -2.66 20.68
N ILE B 4 -47.97 36.57 -19.88
CA ILE B 4 -48.37 38.02 -19.88
C ILE B 4 -47.10 38.86 -19.74
N GLN B 5 -46.85 39.69 -20.75
CA GLN B 5 -45.63 40.49 -20.89
C GLN B 5 -45.55 41.58 -19.82
N GLU B 6 -46.70 41.94 -19.25
CA GLU B 6 -46.80 43.14 -18.42
C GLU B 6 -46.26 42.89 -17.01
N LEU B 7 -46.43 41.66 -16.50
CA LEU B 7 -46.00 41.31 -15.15
C LEU B 7 -44.58 40.71 -15.14
N ILE B 8 -43.95 40.69 -16.31
CA ILE B 8 -42.54 40.34 -16.46
C ILE B 8 -41.71 41.61 -16.21
N LEU B 9 -42.35 42.77 -16.43
CA LEU B 9 -41.70 44.06 -16.28
C LEU B 9 -42.12 44.75 -14.97
N SER B 10 -43.23 44.28 -14.38
CA SER B 10 -43.76 44.83 -13.14
C SER B 10 -42.72 44.73 -12.02
N GLU B 11 -42.54 45.82 -11.27
CA GLU B 11 -41.41 45.98 -10.37
C GLU B 11 -41.75 45.51 -8.97
N GLU B 12 -42.70 44.57 -8.85
CA GLU B 12 -42.96 43.86 -7.61
C GLU B 12 -41.92 42.75 -7.46
N ASN B 13 -40.84 43.04 -6.71
CA ASN B 13 -39.67 42.17 -6.69
C ASN B 13 -40.01 40.84 -6.03
N LYS B 14 -39.48 39.76 -6.63
CA LYS B 14 -39.82 38.40 -6.30
C LYS B 14 -38.57 37.68 -5.79
N THR B 15 -38.78 36.52 -5.17
CA THR B 15 -37.68 35.68 -4.70
C THR B 15 -37.86 34.26 -5.21
N ASN B 16 -36.95 33.83 -6.09
CA ASN B 16 -37.07 32.54 -6.75
C ASN B 16 -35.77 31.75 -6.63
N ILE B 17 -35.85 30.44 -6.85
CA ILE B 17 -34.71 29.54 -6.75
C ILE B 17 -34.33 29.01 -8.13
N ALA B 18 -33.13 29.39 -8.58
CA ALA B 18 -32.58 28.97 -9.86
C ALA B 18 -31.35 28.09 -9.64
N VAL B 19 -31.15 27.13 -10.54
CA VAL B 19 -29.98 26.25 -10.52
C VAL B 19 -29.33 26.32 -11.91
N LEU B 20 -28.04 26.62 -11.97
CA LEU B 20 -27.40 26.86 -13.26
C LEU B 20 -26.23 25.91 -13.48
N ASN B 21 -25.97 25.59 -14.76
CA ASN B 21 -24.73 24.97 -15.18
C ASN B 21 -23.76 26.03 -15.73
N LEU B 22 -22.48 25.90 -15.45
CA LEU B 22 -21.46 26.84 -15.92
C LEU B 22 -20.24 26.06 -16.43
N GLY B 23 -19.92 26.20 -17.71
CA GLY B 23 -18.87 25.43 -18.36
C GLY B 23 -17.91 26.28 -19.19
N THR B 24 -16.72 25.74 -19.49
CA THR B 24 -15.74 26.39 -20.33
C THR B 24 -14.93 25.29 -21.02
N ASN B 25 -14.03 25.69 -21.93
CA ASN B 25 -13.20 24.76 -22.68
C ASN B 25 -11.73 24.99 -22.35
N ASP B 26 -11.44 26.21 -21.89
CA ASP B 26 -10.08 26.71 -21.73
C ASP B 26 -9.50 26.17 -20.42
N ARG B 27 -8.85 25.00 -20.52
CA ARG B 27 -8.22 24.36 -19.37
C ARG B 27 -7.38 25.40 -18.61
N ARG B 28 -6.54 26.15 -19.33
CA ARG B 28 -5.57 26.99 -18.67
C ARG B 28 -6.27 27.85 -17.62
N ASN B 29 -7.38 28.50 -18.00
CA ASN B 29 -7.99 29.49 -17.12
C ASN B 29 -9.45 29.16 -16.83
N ALA B 30 -9.78 27.89 -16.63
CA ALA B 30 -11.13 27.53 -16.22
C ALA B 30 -11.46 28.19 -14.87
N VAL B 31 -10.47 28.21 -13.98
CA VAL B 31 -10.63 28.80 -12.66
C VAL B 31 -10.94 30.30 -12.78
N LEU B 32 -10.28 30.97 -13.73
CA LEU B 32 -10.46 32.41 -13.88
C LEU B 32 -11.79 32.70 -14.60
N ILE B 33 -12.07 31.93 -15.66
CA ILE B 33 -13.31 32.04 -16.39
C ILE B 33 -14.50 31.85 -15.45
N LEU B 34 -14.61 30.64 -14.85
CA LEU B 34 -15.77 30.22 -14.07
C LEU B 34 -15.94 31.08 -12.81
N GLU B 35 -14.82 31.47 -12.19
CA GLU B 35 -14.89 32.33 -11.01
C GLU B 35 -15.30 33.77 -11.37
N THR B 36 -15.05 34.18 -12.63
CA THR B 36 -15.53 35.46 -13.10
C THR B 36 -17.03 35.38 -13.38
N ALA B 37 -17.45 34.38 -14.16
CA ALA B 37 -18.86 34.08 -14.26
C ALA B 37 -19.48 34.16 -12.86
N LEU B 38 -18.97 33.34 -11.94
CA LEU B 38 -19.50 33.19 -10.60
C LEU B 38 -19.75 34.56 -9.98
N HIS B 39 -18.76 35.46 -10.07
CA HIS B 39 -18.89 36.74 -9.38
C HIS B 39 -19.98 37.59 -10.02
N LEU B 40 -20.09 37.49 -11.35
CA LEU B 40 -21.13 38.22 -12.07
C LEU B 40 -22.50 37.61 -11.77
N VAL B 41 -22.55 36.29 -11.56
CA VAL B 41 -23.79 35.63 -11.24
C VAL B 41 -24.30 36.12 -9.89
N GLU B 42 -23.34 36.41 -8.98
CA GLU B 42 -23.63 36.84 -7.62
C GLU B 42 -24.09 38.29 -7.65
N LYS B 43 -23.69 39.00 -8.72
CA LYS B 43 -23.93 40.42 -8.87
C LYS B 43 -25.31 40.68 -9.48
N TYR B 44 -25.62 40.01 -10.60
CA TYR B 44 -26.71 40.44 -11.46
C TYR B 44 -27.98 39.62 -11.27
N LEU B 45 -27.97 38.58 -10.42
CA LEU B 45 -29.11 37.66 -10.40
C LEU B 45 -29.66 37.40 -8.99
N GLY B 46 -28.79 37.49 -7.97
CA GLY B 46 -29.18 37.17 -6.61
C GLY B 46 -27.98 36.73 -5.76
N LYS B 47 -28.20 35.82 -4.81
CA LYS B 47 -27.15 35.32 -3.95
C LYS B 47 -26.92 33.83 -4.21
N ILE B 48 -25.66 33.48 -4.49
CA ILE B 48 -25.23 32.10 -4.66
C ILE B 48 -25.30 31.40 -3.31
N ILE B 49 -26.00 30.27 -3.28
CA ILE B 49 -26.28 29.64 -2.00
C ILE B 49 -25.93 28.15 -2.03
N ASN B 50 -25.51 27.67 -3.20
CA ASN B 50 -24.92 26.34 -3.33
C ASN B 50 -23.95 26.34 -4.50
N THR B 51 -22.95 25.45 -4.43
CA THR B 51 -22.11 25.09 -5.56
C THR B 51 -21.66 23.64 -5.42
N SER B 52 -21.36 23.04 -6.57
CA SER B 52 -20.80 21.71 -6.69
C SER B 52 -19.28 21.86 -6.82
N TYR B 53 -18.56 20.73 -6.81
CA TYR B 53 -17.14 20.74 -7.14
C TYR B 53 -17.00 21.16 -8.60
N LEU B 54 -15.76 21.51 -8.98
CA LEU B 54 -15.36 21.71 -10.36
C LEU B 54 -15.02 20.34 -10.92
N TYR B 55 -15.40 20.07 -12.19
CA TYR B 55 -15.01 18.82 -12.82
C TYR B 55 -14.44 19.01 -14.22
N GLU B 56 -13.30 18.33 -14.47
CA GLU B 56 -12.81 18.05 -15.81
C GLU B 56 -13.58 16.87 -16.38
N THR B 57 -14.16 17.08 -17.57
CA THR B 57 -15.10 16.13 -18.14
C THR B 57 -14.84 15.91 -19.64
N VAL B 58 -15.26 14.75 -20.14
CA VAL B 58 -15.15 14.40 -21.54
C VAL B 58 -16.54 14.05 -22.08
N PRO B 59 -16.98 14.67 -23.21
CA PRO B 59 -18.28 14.36 -23.82
C PRO B 59 -18.37 12.92 -24.37
N TYR B 84 -6.88 41.29 -20.14
CA TYR B 84 -7.80 40.15 -20.07
C TYR B 84 -9.13 40.61 -19.49
N ILE B 85 -9.65 39.82 -18.54
CA ILE B 85 -10.90 40.11 -17.86
C ILE B 85 -10.64 41.06 -16.70
N ASN B 86 -9.36 41.18 -16.32
CA ASN B 86 -8.91 42.12 -15.31
C ASN B 86 -9.27 43.54 -15.75
N GLU B 87 -9.42 43.71 -17.08
CA GLU B 87 -9.83 44.96 -17.71
C GLU B 87 -11.33 45.19 -17.49
N LEU B 88 -12.12 44.12 -17.57
CA LEU B 88 -13.56 44.21 -17.41
C LEU B 88 -13.91 44.52 -15.95
N MET B 89 -13.24 43.85 -15.02
CA MET B 89 -13.70 43.79 -13.64
C MET B 89 -13.71 45.17 -12.98
N GLN B 90 -13.21 46.18 -13.70
CA GLN B 90 -13.23 47.55 -13.23
C GLN B 90 -14.40 48.29 -13.88
N ASN B 91 -14.60 48.02 -15.18
CA ASN B 91 -15.60 48.70 -15.98
C ASN B 91 -16.87 47.85 -16.00
N LEU B 92 -17.56 47.82 -14.86
CA LEU B 92 -18.82 47.10 -14.71
C LEU B 92 -19.90 48.08 -14.24
N GLU B 93 -21.06 48.02 -14.88
CA GLU B 93 -22.22 48.80 -14.47
C GLU B 93 -22.83 48.17 -13.23
N GLU B 94 -23.47 49.02 -12.40
CA GLU B 94 -24.02 48.62 -11.12
C GLU B 94 -25.32 47.85 -11.34
N SER B 95 -25.96 47.47 -10.23
CA SER B 95 -27.22 46.73 -10.24
C SER B 95 -28.32 47.49 -9.51
N LYS B 96 -29.57 47.10 -9.78
CA LYS B 96 -30.73 47.77 -9.20
C LYS B 96 -30.91 47.33 -7.76
N TYR B 97 -30.37 46.15 -7.42
CA TYR B 97 -30.53 45.56 -6.10
C TYR B 97 -29.22 45.61 -5.32
N GLU B 98 -29.32 45.87 -4.01
CA GLU B 98 -28.16 45.90 -3.15
C GLU B 98 -27.83 44.48 -2.68
N GLU B 99 -26.52 44.20 -2.63
CA GLU B 99 -26.00 42.95 -2.11
C GLU B 99 -25.65 43.17 -0.65
N ASN B 100 -25.71 42.09 0.15
CA ASN B 100 -25.02 42.13 1.44
C ASN B 100 -24.24 40.84 1.65
N LYS B 101 -22.97 41.02 2.05
CA LYS B 101 -22.05 39.93 2.38
C LYS B 101 -22.61 39.14 3.58
N GLU B 102 -23.63 39.71 4.24
CA GLU B 102 -24.15 39.23 5.52
C GLU B 102 -24.35 37.72 5.50
N LEU B 103 -24.08 37.08 6.65
CA LEU B 103 -24.17 35.63 6.80
C LEU B 103 -25.63 35.21 7.00
N ILE B 104 -25.96 33.98 6.58
CA ILE B 104 -27.28 33.41 6.83
C ILE B 104 -27.14 32.00 7.40
N ASP B 105 -28.23 31.47 7.95
CA ASP B 105 -28.24 30.29 8.78
C ASP B 105 -28.99 29.19 8.05
N LYS B 106 -29.98 29.62 7.27
CA LYS B 106 -30.95 28.78 6.59
C LYS B 106 -31.47 29.59 5.42
N CYS B 107 -32.44 29.02 4.70
CA CYS B 107 -33.12 29.72 3.63
C CYS B 107 -34.45 29.03 3.40
N GLU B 108 -35.56 29.77 3.62
CA GLU B 108 -36.89 29.20 3.55
C GLU B 108 -37.22 28.85 2.11
N GLU B 109 -36.99 29.83 1.23
CA GLU B 109 -37.14 29.68 -0.21
C GLU B 109 -36.47 28.38 -0.62
N TYR B 110 -35.18 28.24 -0.29
CA TYR B 110 -34.40 27.06 -0.61
C TYR B 110 -35.00 25.82 0.06
N GLU B 111 -35.33 25.91 1.35
CA GLU B 111 -35.85 24.76 2.09
C GLU B 111 -37.03 24.18 1.32
N THR B 112 -37.78 25.07 0.64
CA THR B 112 -39.07 24.81 0.02
C THR B 112 -38.89 24.32 -1.41
N PHE B 113 -37.78 24.74 -2.02
CA PHE B 113 -37.38 24.28 -3.34
C PHE B 113 -37.14 22.76 -3.31
N LEU B 114 -36.46 22.27 -2.26
CA LEU B 114 -35.98 20.90 -2.16
C LEU B 114 -37.13 19.90 -1.99
N LYS B 115 -37.91 20.00 -0.91
CA LYS B 115 -39.24 19.41 -0.92
C LYS B 115 -40.07 20.23 -1.89
N ASN B 116 -41.03 19.62 -2.56
CA ASN B 116 -41.70 20.37 -3.62
C ASN B 116 -42.94 21.07 -3.08
N GLY B 117 -42.72 21.91 -2.06
CA GLY B 117 -43.78 22.68 -1.42
C GLY B 117 -44.30 23.79 -2.32
N LYS B 118 -45.46 24.34 -1.94
CA LYS B 118 -46.16 25.31 -2.76
C LYS B 118 -45.29 26.55 -2.95
N VAL B 119 -45.25 27.03 -4.20
CA VAL B 119 -44.61 28.29 -4.55
C VAL B 119 -45.53 29.01 -5.55
N ASP B 120 -45.31 30.33 -5.70
CA ASP B 120 -46.08 31.19 -6.59
C ASP B 120 -46.09 30.62 -8.01
N ASN B 121 -47.19 30.91 -8.73
CA ASN B 121 -47.48 30.33 -10.03
C ASN B 121 -46.48 30.81 -11.08
N SER B 122 -46.30 29.96 -12.10
CA SER B 122 -45.43 30.22 -13.24
C SER B 122 -46.01 31.35 -14.08
N ILE B 123 -45.26 32.45 -14.20
CA ILE B 123 -45.74 33.58 -15.00
C ILE B 123 -45.31 33.39 -16.45
N LEU B 124 -45.14 32.13 -16.85
CA LEU B 124 -44.93 31.71 -18.23
C LEU B 124 -45.74 30.42 -18.46
N LYS B 125 -45.86 30.01 -19.72
CA LYS B 125 -46.72 28.89 -20.07
C LYS B 125 -46.03 27.57 -19.74
N GLU B 126 -46.64 26.82 -18.82
CA GLU B 126 -46.21 25.48 -18.48
C GLU B 126 -46.79 24.49 -19.49
N VAL B 127 -45.90 23.83 -20.25
CA VAL B 127 -46.28 22.72 -21.11
C VAL B 127 -46.61 21.52 -20.22
N ASN B 128 -47.43 20.61 -20.74
CA ASN B 128 -47.93 19.49 -19.97
C ASN B 128 -46.77 18.62 -19.49
N VAL B 129 -47.06 17.79 -18.49
CA VAL B 129 -46.12 16.83 -17.91
C VAL B 129 -45.68 15.83 -18.98
N GLU B 130 -46.65 15.10 -19.55
CA GLU B 130 -46.40 14.01 -20.47
C GLU B 130 -46.06 14.54 -21.87
N ASN B 131 -46.36 15.82 -22.12
CA ASN B 131 -46.05 16.49 -23.37
C ASN B 131 -44.55 16.83 -23.41
N TYR B 132 -43.98 17.13 -22.23
CA TYR B 132 -42.59 17.56 -22.11
C TYR B 132 -41.65 16.43 -22.55
N LEU B 133 -42.03 15.18 -22.23
CA LEU B 133 -41.20 14.02 -22.52
C LEU B 133 -40.82 14.00 -23.99
N LEU B 134 -41.83 13.93 -24.87
CA LEU B 134 -41.64 13.78 -26.30
C LEU B 134 -41.01 15.03 -26.92
N GLU B 135 -41.28 16.20 -26.32
CA GLU B 135 -40.75 17.47 -26.78
C GLU B 135 -39.23 17.48 -26.64
N CYS B 136 -38.73 16.94 -25.53
CA CYS B 136 -37.32 16.88 -25.20
C CYS B 136 -36.58 16.04 -26.24
N ASN B 137 -37.21 14.92 -26.64
CA ASN B 137 -36.63 13.91 -27.51
C ASN B 137 -36.24 14.51 -28.86
N ASN B 138 -37.15 15.30 -29.45
CA ASN B 138 -36.96 15.84 -30.79
C ASN B 138 -35.80 16.85 -30.83
N ILE B 139 -35.53 17.50 -29.70
CA ILE B 139 -34.48 18.50 -29.63
C ILE B 139 -33.14 17.79 -29.49
N ILE B 140 -33.17 16.57 -28.93
CA ILE B 140 -31.98 15.76 -28.78
C ILE B 140 -31.70 15.03 -30.09
N VAL B 141 -32.71 14.31 -30.63
CA VAL B 141 -32.55 13.44 -31.80
C VAL B 141 -32.19 14.27 -33.03
N LYS B 142 -32.73 15.49 -33.11
CA LYS B 142 -32.42 16.46 -34.17
C LYS B 142 -31.00 16.97 -34.00
N ASN B 143 -30.61 17.23 -32.75
CA ASN B 143 -29.26 17.67 -32.41
C ASN B 143 -28.28 16.51 -32.58
N ASP B 144 -28.81 15.28 -32.55
CA ASP B 144 -28.03 14.06 -32.71
C ASP B 144 -27.65 13.87 -34.18
N GLU B 145 -28.33 14.59 -35.07
CA GLU B 145 -28.04 14.55 -36.50
C GLU B 145 -27.12 15.72 -36.90
N ILE B 146 -27.43 16.93 -36.41
CA ILE B 146 -26.60 18.11 -36.61
C ILE B 146 -25.18 17.79 -36.14
N MET B 147 -25.08 16.75 -35.29
CA MET B 147 -23.84 16.24 -34.75
C MET B 147 -22.95 15.68 -35.86
N LYS B 148 -23.54 14.88 -36.77
CA LYS B 148 -22.76 14.10 -37.73
C LYS B 148 -22.32 14.96 -38.93
N ASN B 149 -22.39 16.28 -38.78
CA ASN B 149 -21.74 17.21 -39.70
C ASN B 149 -20.29 17.42 -39.24
N ASN B 150 -20.11 17.67 -37.93
CA ASN B 150 -18.84 17.88 -37.27
C ASN B 150 -17.69 18.01 -38.28
N SER B 161 -10.81 19.24 -26.59
CA SER B 161 -12.07 18.56 -26.38
C SER B 161 -12.27 18.29 -24.89
N TYR B 162 -12.03 19.33 -24.08
CA TYR B 162 -12.14 19.23 -22.63
C TYR B 162 -13.20 20.20 -22.11
N PHE B 163 -14.13 19.66 -21.29
CA PHE B 163 -15.18 20.43 -20.64
C PHE B 163 -14.83 20.63 -19.16
N TYR B 164 -15.16 21.81 -18.62
CA TYR B 164 -14.98 22.09 -17.21
C TYR B 164 -16.28 22.63 -16.61
N ASN B 165 -16.99 21.76 -15.87
CA ASN B 165 -18.31 22.00 -15.34
C ASN B 165 -18.28 22.45 -13.88
N LEU B 166 -19.32 23.20 -13.48
CA LEU B 166 -19.59 23.65 -12.14
C LEU B 166 -21.04 24.10 -12.09
N THR B 167 -21.82 23.57 -11.14
CA THR B 167 -23.21 24.01 -11.00
C THR B 167 -23.37 24.91 -9.77
N VAL B 168 -24.37 25.79 -9.83
CA VAL B 168 -24.57 26.76 -8.78
C VAL B 168 -26.06 26.82 -8.45
N VAL B 169 -26.38 27.35 -7.27
CA VAL B 169 -27.76 27.72 -6.99
C VAL B 169 -27.79 29.21 -6.68
N VAL B 170 -28.82 29.90 -7.20
CA VAL B 170 -28.96 31.32 -6.99
C VAL B 170 -30.32 31.58 -6.34
N LYS B 171 -30.31 32.34 -5.23
CA LYS B 171 -31.53 32.99 -4.78
C LYS B 171 -31.73 34.25 -5.62
N THR B 172 -32.80 34.24 -6.42
CA THR B 172 -32.92 35.18 -7.51
C THR B 172 -33.98 36.22 -7.20
N PHE B 173 -33.60 37.48 -7.42
CA PHE B 173 -34.53 38.60 -7.40
C PHE B 173 -35.16 38.77 -8.78
N VAL B 174 -34.63 38.04 -9.77
CA VAL B 174 -35.24 37.91 -11.08
C VAL B 174 -36.54 37.10 -10.92
N ASN B 175 -37.53 37.38 -11.77
CA ASN B 175 -38.90 36.96 -11.47
C ASN B 175 -39.36 35.82 -12.38
N ASP B 176 -38.54 35.47 -13.38
CA ASP B 176 -38.91 34.46 -14.36
C ASP B 176 -37.67 33.97 -15.11
N PRO B 177 -37.65 32.67 -15.52
CA PRO B 177 -36.46 32.08 -16.16
C PRO B 177 -36.00 32.81 -17.41
N LEU B 178 -36.98 33.23 -18.23
CA LEU B 178 -36.76 33.87 -19.51
C LEU B 178 -36.03 35.20 -19.31
N SER B 179 -36.37 35.93 -18.24
CA SER B 179 -35.72 37.19 -17.88
C SER B 179 -34.26 36.92 -17.55
N MET B 180 -34.04 35.87 -16.75
CA MET B 180 -32.74 35.50 -16.23
C MET B 180 -31.84 35.07 -17.39
N LEU B 181 -32.41 34.29 -18.31
CA LEU B 181 -31.73 33.84 -19.51
C LEU B 181 -31.23 35.05 -20.29
N VAL B 182 -32.07 36.09 -20.38
CA VAL B 182 -31.70 37.33 -21.04
C VAL B 182 -30.43 37.90 -20.38
N VAL B 183 -30.41 37.88 -19.04
CA VAL B 183 -29.30 38.43 -18.28
C VAL B 183 -28.09 37.51 -18.38
N ILE B 184 -28.34 36.20 -18.37
CA ILE B 184 -27.28 35.21 -18.50
C ILE B 184 -26.57 35.38 -19.85
N LYS B 185 -27.37 35.61 -20.90
CA LYS B 185 -26.88 35.86 -22.24
C LYS B 185 -25.99 37.11 -22.24
N TYR B 186 -26.45 38.16 -21.54
CA TYR B 186 -25.71 39.40 -21.42
C TYR B 186 -24.37 39.15 -20.75
N ILE B 187 -24.40 38.49 -19.58
CA ILE B 187 -23.20 38.14 -18.83
C ILE B 187 -22.24 37.37 -19.75
N GLU B 188 -22.77 36.32 -20.41
CA GLU B 188 -22.03 35.55 -21.40
C GLU B 188 -21.28 36.52 -22.31
N GLU B 189 -22.02 37.49 -22.86
CA GLU B 189 -21.54 38.41 -23.89
C GLU B 189 -20.51 39.37 -23.31
N LEU B 190 -20.69 39.79 -22.05
CA LEU B 190 -19.82 40.78 -21.45
C LEU B 190 -18.40 40.23 -21.27
N MET B 191 -18.27 38.90 -21.30
CA MET B 191 -17.02 38.24 -20.98
C MET B 191 -16.20 37.97 -22.24
N LYS B 192 -16.84 38.03 -23.42
CA LYS B 192 -16.14 37.88 -24.69
C LYS B 192 -15.35 39.15 -25.03
N ARG B 193 -14.35 39.02 -25.91
CA ARG B 193 -13.41 40.08 -26.21
C ARG B 193 -14.07 41.17 -27.07
N ILE B 206 -15.79 30.84 -25.24
CA ILE B 206 -16.62 29.73 -24.76
C ILE B 206 -16.82 29.85 -23.24
N ILE B 207 -18.03 30.23 -22.84
CA ILE B 207 -18.43 30.32 -21.45
C ILE B 207 -19.93 30.04 -21.35
N ASP B 208 -20.36 28.81 -21.64
CA ASP B 208 -21.78 28.49 -21.61
C ASP B 208 -22.29 28.49 -20.17
N ILE B 209 -23.37 29.23 -19.94
CA ILE B 209 -24.09 29.31 -18.69
C ILE B 209 -25.55 29.00 -19.01
N ASP B 210 -25.98 27.75 -18.75
CA ASP B 210 -27.37 27.36 -18.98
C ASP B 210 -28.12 27.49 -17.66
N ILE B 211 -29.38 27.06 -17.66
CA ILE B 211 -30.27 27.13 -16.51
C ILE B 211 -30.92 25.76 -16.38
N LEU B 212 -30.72 25.10 -15.23
CA LEU B 212 -31.15 23.71 -15.14
C LEU B 212 -32.53 23.58 -14.52
N PHE B 213 -32.86 24.45 -13.56
CA PHE B 213 -34.20 24.39 -12.99
C PHE B 213 -34.65 25.78 -12.58
N PHE B 214 -35.97 25.93 -12.36
CA PHE B 214 -36.56 27.17 -11.87
C PHE B 214 -37.85 26.83 -11.13
N ASN B 215 -37.78 26.84 -9.79
CA ASN B 215 -38.85 26.34 -8.94
C ASN B 215 -39.31 24.99 -9.50
N ASP B 216 -40.60 24.69 -9.40
CA ASP B 216 -41.02 23.34 -9.78
C ASP B 216 -41.52 23.30 -11.22
N PHE B 217 -41.16 24.33 -12.00
CA PHE B 217 -41.81 24.61 -13.27
C PHE B 217 -41.42 23.60 -14.35
N THR B 218 -42.41 23.26 -15.17
CA THR B 218 -42.21 22.52 -16.42
C THR B 218 -42.58 23.45 -17.59
N ILE B 219 -41.56 23.89 -18.34
CA ILE B 219 -41.74 24.94 -19.32
C ILE B 219 -41.08 24.52 -20.63
N PHE B 220 -41.79 24.73 -21.74
CA PHE B 220 -41.21 24.73 -23.07
C PHE B 220 -41.83 25.86 -23.90
N MET B 221 -40.97 26.65 -24.53
CA MET B 221 -41.37 27.69 -25.45
C MET B 221 -40.75 27.39 -26.82
N LYS B 222 -41.58 26.82 -27.69
CA LYS B 222 -41.15 25.99 -28.81
C LYS B 222 -40.50 26.83 -29.91
N ASN B 223 -40.85 28.13 -29.95
CA ASN B 223 -40.36 29.04 -30.97
C ASN B 223 -40.71 30.47 -30.56
N ILE B 224 -39.71 31.21 -30.07
CA ILE B 224 -39.89 32.61 -29.74
C ILE B 224 -38.74 33.41 -30.33
N LYS B 225 -39.05 34.65 -30.71
CA LYS B 225 -38.06 35.68 -30.95
C LYS B 225 -38.38 36.84 -30.02
N LEU B 226 -37.36 37.65 -29.72
CA LEU B 226 -37.51 38.69 -28.74
C LEU B 226 -37.39 40.05 -29.44
N GLU B 227 -38.20 41.01 -28.96
CA GLU B 227 -38.11 42.40 -29.40
C GLU B 227 -36.70 42.92 -29.09
N LYS B 228 -36.03 43.44 -30.13
CA LYS B 228 -34.70 44.02 -30.04
C LYS B 228 -34.67 45.05 -28.91
N ASN B 229 -35.86 45.39 -28.40
CA ASN B 229 -36.04 46.45 -27.43
C ASN B 229 -36.58 45.89 -26.10
N MET B 230 -37.45 44.88 -26.19
CA MET B 230 -38.04 44.25 -25.01
C MET B 230 -36.92 43.69 -24.11
N ILE B 231 -35.78 43.39 -24.74
CA ILE B 231 -34.56 42.99 -24.06
C ILE B 231 -34.04 44.17 -23.23
N TYR B 232 -33.91 45.35 -23.85
CA TYR B 232 -33.43 46.55 -23.16
C TYR B 232 -34.26 46.77 -21.89
N LYS B 233 -35.57 46.57 -22.00
CA LYS B 233 -36.48 46.80 -20.89
C LYS B 233 -36.16 45.85 -19.74
N ILE B 234 -35.96 44.57 -20.08
CA ILE B 234 -35.73 43.49 -19.11
C ILE B 234 -34.36 43.65 -18.45
N LEU B 235 -33.37 44.02 -19.26
CA LEU B 235 -32.01 44.21 -18.78
C LEU B 235 -31.95 45.42 -17.84
N SER B 236 -32.59 46.53 -18.23
CA SER B 236 -32.61 47.77 -17.47
C SER B 236 -33.44 47.62 -16.19
N LYS B 237 -34.11 46.47 -16.06
CA LYS B 237 -34.96 46.15 -14.92
C LYS B 237 -34.10 45.84 -13.71
N TYR B 238 -32.96 45.17 -13.96
CA TYR B 238 -32.10 44.66 -12.90
C TYR B 238 -30.74 45.36 -12.90
N ILE B 239 -30.36 45.93 -14.06
CA ILE B 239 -29.05 46.56 -14.23
C ILE B 239 -29.22 48.04 -14.61
N HIS B 240 -28.21 48.85 -14.24
CA HIS B 240 -28.18 50.28 -14.52
C HIS B 240 -27.38 50.55 -15.79
N LEU B 241 -28.10 50.70 -16.92
CA LEU B 241 -27.49 51.08 -18.19
C LEU B 241 -27.84 52.53 -18.53
N GLN B 303 -25.28 48.40 -24.70
CA GLN B 303 -25.50 49.30 -25.83
C GLN B 303 -25.15 48.58 -27.14
N GLU B 304 -23.87 48.22 -27.29
CA GLU B 304 -23.31 47.69 -28.52
C GLU B 304 -23.41 46.16 -28.57
N ILE B 305 -24.08 45.57 -27.55
CA ILE B 305 -24.00 44.14 -27.27
C ILE B 305 -25.33 43.45 -27.60
N ILE B 306 -26.44 44.16 -27.32
CA ILE B 306 -27.80 43.62 -27.40
C ILE B 306 -28.05 42.98 -28.77
N ASN B 307 -27.32 43.46 -29.80
CA ASN B 307 -27.55 43.10 -31.19
C ASN B 307 -27.33 41.60 -31.38
N ASN B 308 -26.18 41.11 -30.92
CA ASN B 308 -25.73 39.74 -31.12
C ASN B 308 -26.59 38.80 -30.28
N MET B 309 -27.32 39.37 -29.31
CA MET B 309 -28.13 38.64 -28.35
C MET B 309 -29.41 38.10 -28.99
N VAL B 310 -30.10 38.97 -29.75
CA VAL B 310 -31.53 38.85 -30.05
C VAL B 310 -31.88 37.48 -30.62
N ASP B 311 -30.94 36.89 -31.36
CA ASP B 311 -31.16 35.68 -32.14
C ASP B 311 -30.66 34.45 -31.39
N ASN B 312 -29.91 34.69 -30.30
CA ASN B 312 -29.23 33.64 -29.56
C ASN B 312 -30.15 33.02 -28.52
N ILE B 313 -31.39 33.53 -28.41
CA ILE B 313 -32.41 32.94 -27.56
C ILE B 313 -33.51 32.34 -28.43
N GLU B 314 -33.19 31.21 -29.08
CA GLU B 314 -34.07 30.58 -30.05
C GLU B 314 -35.24 29.89 -29.35
N PHE B 315 -35.00 29.32 -28.15
CA PHE B 315 -36.04 28.66 -27.37
C PHE B 315 -35.70 28.66 -25.87
N LEU B 316 -36.45 27.88 -25.08
CA LEU B 316 -36.27 27.76 -23.64
C LEU B 316 -36.93 26.49 -23.10
N SER B 317 -36.12 25.63 -22.47
CA SER B 317 -36.59 24.43 -21.79
C SER B 317 -36.19 24.43 -20.32
N ILE B 318 -37.19 24.33 -19.44
CA ILE B 318 -36.99 24.12 -18.01
C ILE B 318 -37.77 22.87 -17.65
N PRO B 319 -37.14 21.79 -17.12
CA PRO B 319 -35.70 21.74 -16.90
C PRO B 319 -34.94 21.62 -18.22
N HIS B 320 -33.75 22.23 -18.26
CA HIS B 320 -32.84 22.16 -19.40
C HIS B 320 -32.85 20.77 -20.02
N VAL B 321 -32.61 20.70 -21.33
CA VAL B 321 -32.85 19.50 -22.10
C VAL B 321 -31.97 18.35 -21.61
N TYR B 322 -30.67 18.64 -21.46
CA TYR B 322 -29.66 17.61 -21.29
C TYR B 322 -29.55 17.16 -19.83
N THR B 323 -30.45 17.70 -18.98
CA THR B 323 -30.38 17.59 -17.53
C THR B 323 -30.05 16.17 -17.06
N THR B 324 -30.67 15.15 -17.68
CA THR B 324 -30.53 13.78 -17.20
C THR B 324 -29.91 12.87 -18.27
N HIS B 325 -29.36 13.48 -19.32
CA HIS B 325 -28.73 12.73 -20.40
C HIS B 325 -27.21 12.96 -20.37
N ARG B 326 -26.82 14.22 -20.11
CA ARG B 326 -25.44 14.60 -19.87
C ARG B 326 -24.99 14.02 -18.54
N TYR B 327 -23.86 13.29 -18.54
CA TYR B 327 -23.29 12.84 -17.28
C TYR B 327 -22.85 14.05 -16.45
N SER B 328 -22.09 14.95 -17.07
CA SER B 328 -21.46 16.04 -16.33
C SER B 328 -22.46 16.76 -15.43
N ILE B 329 -23.73 16.81 -15.84
CA ILE B 329 -24.72 17.58 -15.09
C ILE B 329 -25.19 16.77 -13.88
N LEU B 330 -25.42 15.46 -14.03
CA LEU B 330 -25.83 14.66 -12.88
C LEU B 330 -24.71 14.68 -11.83
N LEU B 331 -23.49 14.34 -12.27
CA LEU B 331 -22.29 14.39 -11.47
C LEU B 331 -22.22 15.65 -10.59
N CYS B 332 -22.50 16.81 -11.19
CA CYS B 332 -22.54 18.09 -10.48
C CYS B 332 -23.74 18.23 -9.56
N LEU B 333 -24.93 17.87 -10.06
CA LEU B 333 -26.17 18.11 -9.33
C LEU B 333 -26.20 17.23 -8.10
N ASN B 334 -25.41 16.14 -8.16
CA ASN B 334 -25.40 15.18 -7.06
C ASN B 334 -24.64 15.76 -5.87
N ASP B 335 -23.76 16.73 -6.13
CA ASP B 335 -23.03 17.36 -5.06
C ASP B 335 -23.96 18.24 -4.25
N MET B 336 -24.88 18.92 -4.96
CA MET B 336 -25.62 20.07 -4.44
C MET B 336 -26.98 19.64 -3.88
N ILE B 337 -27.70 18.81 -4.62
CA ILE B 337 -29.11 18.58 -4.33
C ILE B 337 -29.45 17.11 -4.60
N PRO B 338 -28.77 16.17 -3.91
CA PRO B 338 -28.96 14.73 -4.16
C PRO B 338 -30.39 14.22 -4.03
N GLU B 339 -31.18 14.80 -3.12
CA GLU B 339 -32.47 14.23 -2.75
C GLU B 339 -33.61 14.74 -3.62
N TYR B 340 -33.36 15.86 -4.32
CA TYR B 340 -34.32 16.57 -5.14
C TYR B 340 -35.01 15.64 -6.14
N LYS B 341 -36.34 15.67 -6.15
CA LYS B 341 -37.09 15.06 -7.23
C LYS B 341 -37.83 16.13 -8.03
N HIS B 342 -38.33 15.73 -9.21
CA HIS B 342 -39.07 16.60 -10.10
C HIS B 342 -40.07 15.72 -10.85
N ASN B 343 -41.24 16.27 -11.21
CA ASN B 343 -42.20 15.50 -11.99
C ASN B 343 -41.51 15.04 -13.28
N VAL B 344 -40.69 15.94 -13.83
CA VAL B 344 -40.00 15.80 -15.11
C VAL B 344 -39.14 14.53 -15.16
N LEU B 345 -38.62 14.05 -14.02
CA LEU B 345 -37.77 12.88 -14.01
C LEU B 345 -38.35 11.80 -13.09
N ASN B 346 -38.05 10.54 -13.41
CA ASN B 346 -38.58 9.37 -12.72
C ASN B 346 -38.16 9.38 -11.25
N ASN B 347 -36.91 9.79 -11.01
CA ASN B 347 -36.28 9.49 -9.74
C ASN B 347 -35.42 10.68 -9.31
N THR B 348 -34.96 10.63 -8.06
CA THR B 348 -34.17 11.68 -7.45
C THR B 348 -32.79 11.74 -8.10
N ILE B 349 -32.18 12.93 -8.06
CA ILE B 349 -30.95 13.22 -8.77
C ILE B 349 -29.84 12.24 -8.37
N ARG B 350 -29.73 11.91 -7.08
CA ARG B 350 -28.78 10.90 -6.67
C ARG B 350 -29.14 9.54 -7.27
N CYS B 351 -30.42 9.16 -7.25
CA CYS B 351 -30.78 7.85 -7.77
C CYS B 351 -30.46 7.71 -9.27
N LEU B 352 -30.66 8.80 -10.04
CA LEU B 352 -30.38 8.82 -11.47
C LEU B 352 -28.87 8.77 -11.70
N TYR B 353 -28.13 9.58 -10.92
CA TYR B 353 -26.69 9.64 -11.03
C TYR B 353 -26.09 8.26 -10.82
N ASN B 354 -26.55 7.55 -9.77
CA ASN B 354 -26.09 6.21 -9.45
C ASN B 354 -26.36 5.26 -10.60
N LYS B 355 -27.57 5.36 -11.17
CA LYS B 355 -27.98 4.46 -12.22
C LYS B 355 -27.07 4.68 -13.43
N TYR B 356 -26.74 5.93 -13.71
CA TYR B 356 -25.87 6.23 -14.84
C TYR B 356 -24.52 5.56 -14.64
N VAL B 357 -24.00 5.61 -13.41
CA VAL B 357 -22.74 4.96 -13.08
C VAL B 357 -22.87 3.47 -13.31
N SER B 358 -23.75 2.79 -12.56
CA SER B 358 -23.82 1.34 -12.59
C SER B 358 -24.04 0.86 -14.03
N ARG B 359 -24.94 1.55 -14.76
CA ARG B 359 -25.35 1.10 -16.08
C ARG B 359 -24.20 1.28 -17.07
N MET B 360 -23.43 2.36 -16.94
CA MET B 360 -22.26 2.59 -17.76
C MET B 360 -21.24 1.47 -17.58
N LYS B 361 -21.28 0.83 -16.40
CA LYS B 361 -20.36 -0.25 -16.05
C LYS B 361 -20.86 -1.59 -16.59
N GLU B 362 -22.14 -1.92 -16.35
CA GLU B 362 -22.68 -3.22 -16.73
C GLU B 362 -22.72 -3.36 -18.26
N GLN B 363 -23.20 -2.30 -18.93
CA GLN B 363 -23.55 -2.35 -20.34
C GLN B 363 -22.33 -2.07 -21.23
N TYR B 364 -21.57 -1.00 -20.93
CA TYR B 364 -20.46 -0.63 -21.81
C TYR B 364 -19.10 -0.99 -21.22
N ASN B 365 -19.08 -1.56 -20.01
CA ASN B 365 -17.84 -1.95 -19.33
C ASN B 365 -16.87 -0.77 -19.25
N ILE B 366 -17.37 0.39 -18.81
CA ILE B 366 -16.57 1.57 -18.56
C ILE B 366 -16.87 2.03 -17.13
N ASN B 367 -15.82 2.39 -16.40
CA ASN B 367 -15.95 3.12 -15.16
C ASN B 367 -15.88 4.62 -15.47
N ILE B 368 -17.00 5.31 -15.23
CA ILE B 368 -17.23 6.64 -15.77
C ILE B 368 -16.45 7.70 -14.99
N LYS B 369 -16.06 7.37 -13.76
CA LYS B 369 -15.42 8.31 -12.87
C LYS B 369 -13.97 8.57 -13.29
N GLU B 370 -13.42 7.70 -14.13
CA GLU B 370 -12.02 7.79 -14.54
C GLU B 370 -11.77 9.03 -15.41
N ASN B 371 -12.65 9.29 -16.38
CA ASN B 371 -12.36 10.35 -17.33
C ASN B 371 -13.13 11.63 -16.97
N ASN B 372 -13.71 11.64 -15.75
CA ASN B 372 -14.44 12.80 -15.25
C ASN B 372 -13.99 13.09 -13.82
N LYS B 373 -13.07 14.05 -13.68
CA LYS B 373 -12.30 14.22 -12.46
C LYS B 373 -12.83 15.38 -11.62
N ARG B 374 -12.71 15.24 -10.28
CA ARG B 374 -13.07 16.30 -9.35
C ARG B 374 -11.90 17.26 -9.18
N ILE B 375 -12.21 18.55 -9.14
CA ILE B 375 -11.19 19.58 -8.99
C ILE B 375 -11.34 20.24 -7.63
N TYR B 376 -10.22 20.41 -6.92
CA TYR B 376 -10.18 21.38 -5.84
C TYR B 376 -9.19 22.47 -6.24
N VAL B 377 -9.33 23.67 -5.66
CA VAL B 377 -8.49 24.77 -6.10
C VAL B 377 -7.85 25.40 -4.86
N LEU B 378 -6.51 25.52 -4.89
CA LEU B 378 -5.74 26.07 -3.78
C LEU B 378 -5.53 27.57 -3.97
N LYS B 379 -5.08 27.98 -5.16
CA LYS B 379 -4.95 29.40 -5.48
C LYS B 379 -5.84 29.72 -6.67
N ASP B 380 -5.26 29.62 -7.86
CA ASP B 380 -5.94 29.99 -9.08
C ASP B 380 -5.88 28.85 -10.11
N ARG B 381 -5.20 27.75 -9.74
CA ARG B 381 -4.88 26.65 -10.65
C ARG B 381 -5.65 25.38 -10.29
N ILE B 382 -5.89 24.52 -11.29
CA ILE B 382 -6.65 23.29 -11.14
C ILE B 382 -5.80 22.25 -10.40
N SER B 383 -6.46 21.48 -9.52
CA SER B 383 -5.89 20.33 -8.83
C SER B 383 -6.83 19.14 -8.97
N TYR B 384 -6.28 18.00 -9.38
CA TYR B 384 -7.11 16.82 -9.54
C TYR B 384 -7.18 16.09 -8.20
N LEU B 385 -8.36 16.13 -7.57
CA LEU B 385 -8.56 15.49 -6.29
C LEU B 385 -7.94 14.10 -6.35
N LYS B 386 -7.08 13.82 -5.36
CA LYS B 386 -6.47 12.52 -5.09
C LYS B 386 -5.33 12.19 -6.06
N GLU B 387 -4.90 13.15 -6.88
CA GLU B 387 -3.89 12.81 -7.87
C GLU B 387 -2.49 13.17 -7.38
N LYS B 388 -2.40 13.91 -6.27
CA LYS B 388 -1.12 14.31 -5.70
C LYS B 388 -1.23 14.45 -4.19
N THR B 389 -0.08 14.38 -3.51
CA THR B 389 0.05 14.64 -2.08
C THR B 389 0.99 15.84 -1.98
N ASN B 390 0.46 17.01 -1.67
CA ASN B 390 1.23 18.24 -1.62
C ASN B 390 1.85 18.41 -0.24
N ILE B 391 3.07 18.94 -0.18
CA ILE B 391 3.72 19.25 1.08
C ILE B 391 3.41 20.69 1.49
N VAL B 392 3.07 20.86 2.77
CA VAL B 392 2.82 22.18 3.32
C VAL B 392 3.86 22.45 4.40
N GLY B 393 4.64 23.51 4.18
CA GLY B 393 5.78 23.77 5.04
C GLY B 393 5.38 24.67 6.20
N ILE B 394 5.72 24.25 7.41
CA ILE B 394 5.34 24.98 8.61
C ILE B 394 6.39 26.07 8.84
N LEU B 395 5.93 27.33 8.80
CA LEU B 395 6.69 28.45 9.34
C LEU B 395 5.99 29.01 10.57
N ASN B 396 6.45 28.56 11.74
CA ASN B 396 5.88 29.03 12.98
C ASN B 396 6.79 30.13 13.52
N VAL B 397 6.32 31.37 13.48
CA VAL B 397 7.13 32.53 13.84
C VAL B 397 7.44 32.52 15.33
N ASN B 398 6.53 32.02 16.18
CA ASN B 398 6.82 31.86 17.58
C ASN B 398 8.01 30.92 17.80
N TYR B 399 7.92 29.71 17.23
CA TYR B 399 8.95 28.70 17.43
C TYR B 399 10.28 29.17 16.86
N ASP B 400 10.28 29.69 15.63
CA ASP B 400 11.47 30.15 14.93
C ASP B 400 12.20 31.22 15.76
N SER B 401 11.43 32.06 16.45
CA SER B 401 12.00 33.20 17.16
C SER B 401 12.39 32.83 18.58
N PHE B 402 11.45 32.25 19.35
CA PHE B 402 11.65 31.97 20.76
C PHE B 402 11.96 30.48 20.97
N SER B 403 13.15 30.06 20.52
CA SER B 403 13.72 28.73 20.78
C SER B 403 15.20 28.88 21.11
N ASP B 404 15.81 29.93 20.55
CA ASP B 404 17.11 30.42 20.95
C ASP B 404 17.09 30.65 22.46
N GLY B 405 15.87 30.66 23.03
CA GLY B 405 15.62 31.27 24.33
C GLY B 405 15.47 32.78 24.18
N GLY B 406 15.78 33.25 22.96
CA GLY B 406 15.74 34.66 22.58
C GLY B 406 14.32 35.24 22.65
N ILE B 407 14.24 36.57 22.60
CA ILE B 407 13.00 37.28 22.87
C ILE B 407 12.57 38.06 21.65
N PHE B 408 13.43 38.14 20.64
CA PHE B 408 13.15 38.99 19.48
C PHE B 408 12.71 38.13 18.29
N VAL B 409 11.85 38.72 17.44
CA VAL B 409 11.55 38.18 16.12
C VAL B 409 12.80 38.37 15.26
N GLU B 410 13.04 37.46 14.33
CA GLU B 410 14.06 37.70 13.31
C GLU B 410 13.40 37.61 11.94
N PRO B 411 12.68 38.65 11.45
CA PRO B 411 11.91 38.55 10.21
C PRO B 411 12.76 38.15 9.01
N LYS B 412 14.04 38.56 9.02
CA LYS B 412 14.96 38.20 7.95
C LYS B 412 15.20 36.69 7.98
N ARG B 413 15.43 36.16 9.20
CA ARG B 413 15.65 34.73 9.42
C ARG B 413 14.47 33.93 8.87
N ALA B 414 13.25 34.34 9.26
CA ALA B 414 12.04 33.61 8.92
C ALA B 414 11.86 33.55 7.41
N VAL B 415 12.08 34.68 6.72
CA VAL B 415 11.86 34.72 5.28
C VAL B 415 12.87 33.80 4.59
N GLN B 416 14.06 33.65 5.19
CA GLN B 416 15.08 32.74 4.68
C GLN B 416 14.59 31.30 4.80
N ARG B 417 14.10 30.94 6.00
CA ARG B 417 13.51 29.63 6.25
C ARG B 417 12.38 29.38 5.26
N MET B 418 11.69 30.46 4.90
CA MET B 418 10.62 30.38 3.93
C MET B 418 11.18 29.93 2.57
N PHE B 419 12.34 30.48 2.21
CA PHE B 419 12.99 30.19 0.95
C PHE B 419 13.58 28.78 0.99
N GLU B 420 14.36 28.49 2.03
CA GLU B 420 14.81 27.13 2.31
C GLU B 420 13.72 26.12 1.96
N MET B 421 12.50 26.38 2.43
CA MET B 421 11.37 25.46 2.36
C MET B 421 10.97 25.25 0.90
N ILE B 422 10.97 26.34 0.12
CA ILE B 422 10.52 26.36 -1.26
C ILE B 422 11.45 25.48 -2.10
N ASN B 423 12.75 25.70 -1.93
CA ASN B 423 13.77 24.97 -2.68
C ASN B 423 13.94 23.58 -2.10
N GLU B 424 13.20 23.26 -1.03
CA GLU B 424 13.23 21.92 -0.45
C GLU B 424 12.04 21.12 -0.96
N GLY B 425 11.15 21.80 -1.69
CA GLY B 425 10.10 21.16 -2.47
C GLY B 425 8.70 21.28 -1.89
N ALA B 426 8.39 22.38 -1.17
CA ALA B 426 7.06 22.60 -0.63
C ALA B 426 6.22 23.49 -1.56
N SER B 427 5.01 23.03 -1.92
CA SER B 427 4.10 23.80 -2.76
C SER B 427 3.39 24.88 -1.95
N VAL B 428 3.13 24.59 -0.68
CA VAL B 428 2.40 25.50 0.17
C VAL B 428 3.24 25.78 1.41
N ILE B 429 3.24 27.04 1.85
CA ILE B 429 3.82 27.42 3.12
C ILE B 429 2.72 28.00 4.00
N ASP B 430 2.60 27.45 5.23
CA ASP B 430 1.58 27.80 6.20
C ASP B 430 2.23 28.50 7.40
N ILE B 431 1.89 29.79 7.58
CA ILE B 431 2.57 30.68 8.50
C ILE B 431 1.69 30.99 9.71
N GLY B 432 2.29 30.96 10.91
CA GLY B 432 1.51 31.04 12.14
C GLY B 432 2.18 31.84 13.26
N GLY B 433 1.37 32.61 13.99
CA GLY B 433 1.82 33.44 15.09
C GLY B 433 1.36 32.93 16.45
N GLU B 434 0.27 32.16 16.46
CA GLU B 434 -0.19 31.47 17.66
C GLU B 434 0.74 30.27 17.89
N SER B 435 0.82 29.79 19.14
CA SER B 435 1.60 28.59 19.44
C SER B 435 0.99 27.77 20.57
N PHE B 436 1.38 26.48 20.64
CA PHE B 436 0.70 25.46 21.42
C PHE B 436 1.66 24.83 22.44
N LYS B 445 4.45 38.77 24.63
CA LYS B 445 4.03 40.14 24.93
C LYS B 445 3.90 40.94 23.62
N ILE B 446 4.19 40.28 22.50
CA ILE B 446 4.06 40.86 21.17
C ILE B 446 2.96 40.15 20.40
N SER B 447 2.26 40.91 19.53
CA SER B 447 0.98 40.53 18.98
C SER B 447 1.13 39.60 17.78
N GLU B 448 0.12 38.73 17.60
CA GLU B 448 0.05 37.81 16.48
C GLU B 448 0.41 38.56 15.21
N ARG B 449 -0.35 39.62 14.91
CA ARG B 449 -0.18 40.38 13.69
C ARG B 449 1.27 40.82 13.54
N ASP B 450 1.84 41.29 14.65
CA ASP B 450 3.19 41.82 14.65
C ASP B 450 4.21 40.70 14.40
N LEU B 451 3.81 39.44 14.66
CA LEU B 451 4.64 38.30 14.27
C LEU B 451 4.50 38.10 12.76
N VAL B 452 3.26 38.11 12.27
CA VAL B 452 3.06 37.54 10.94
C VAL B 452 3.22 38.58 9.82
N VAL B 453 2.52 39.72 9.89
CA VAL B 453 2.38 40.59 8.73
C VAL B 453 3.74 41.07 8.22
N PRO B 454 4.65 41.60 9.07
CA PRO B 454 5.98 42.01 8.62
C PRO B 454 6.75 40.90 7.87
N VAL B 455 6.66 39.68 8.38
CA VAL B 455 7.32 38.53 7.78
C VAL B 455 6.69 38.22 6.42
N LEU B 456 5.35 38.24 6.36
CA LEU B 456 4.67 38.08 5.09
C LEU B 456 5.05 39.21 4.13
N GLN B 457 5.38 40.37 4.70
CA GLN B 457 5.68 41.57 3.94
C GLN B 457 7.08 41.46 3.32
N LEU B 458 8.09 41.18 4.17
CA LEU B 458 9.45 40.99 3.71
C LEU B 458 9.52 39.90 2.63
N PHE B 459 8.72 38.83 2.77
CA PHE B 459 8.68 37.76 1.79
C PHE B 459 8.24 38.30 0.43
N GLN B 460 7.02 38.87 0.37
CA GLN B 460 6.41 39.43 -0.83
C GLN B 460 7.43 40.31 -1.57
N LYS B 461 8.15 41.16 -0.83
CA LYS B 461 9.12 42.02 -1.48
C LYS B 461 10.31 41.20 -1.99
N GLU B 462 11.00 40.50 -1.08
CA GLU B 462 12.16 39.70 -1.42
C GLU B 462 11.90 38.87 -2.68
N TRP B 463 10.64 38.47 -2.87
CA TRP B 463 10.24 37.63 -3.98
C TRP B 463 10.26 38.42 -5.29
N ASN B 464 9.55 39.55 -5.30
CA ASN B 464 9.44 40.43 -6.46
C ASN B 464 10.80 40.99 -6.86
N ASP B 465 11.80 40.78 -5.99
CA ASP B 465 13.18 41.18 -6.24
C ASP B 465 13.98 39.97 -6.72
N ILE B 466 13.28 39.01 -7.34
CA ILE B 466 13.86 37.86 -8.01
C ILE B 466 12.82 37.30 -8.98
N LYS B 467 11.70 38.01 -9.11
CA LYS B 467 10.64 37.72 -10.05
C LYS B 467 11.01 38.27 -11.43
N ASN B 468 11.86 39.31 -11.43
CA ASN B 468 12.42 39.93 -12.62
C ASN B 468 12.94 38.83 -13.55
N LYS B 469 13.66 37.86 -12.96
CA LYS B 469 14.03 36.59 -13.59
C LYS B 469 12.80 35.69 -13.57
N ILE B 470 12.00 35.76 -14.66
CA ILE B 470 10.74 35.03 -14.82
C ILE B 470 11.00 33.53 -14.75
N VAL B 471 12.27 33.16 -14.48
CA VAL B 471 12.70 31.79 -14.27
C VAL B 471 11.96 31.21 -13.05
N LYS B 472 11.70 32.09 -12.07
CA LYS B 472 10.83 31.79 -10.94
C LYS B 472 9.61 32.72 -10.98
N CYS B 473 8.58 32.28 -11.73
CA CYS B 473 7.30 32.97 -11.88
C CYS B 473 6.16 31.96 -11.75
N ASP B 474 6.41 30.75 -12.32
CA ASP B 474 5.53 29.60 -12.20
C ASP B 474 6.07 28.68 -11.10
N ALA B 475 6.93 29.24 -10.24
CA ALA B 475 7.53 28.54 -9.12
C ALA B 475 7.01 29.11 -7.80
N LYS B 476 6.11 30.11 -7.87
CA LYS B 476 5.72 30.86 -6.68
C LYS B 476 4.84 29.99 -5.79
N PRO B 477 5.21 29.84 -4.50
CA PRO B 477 4.47 28.98 -3.57
C PRO B 477 3.19 29.64 -3.07
N ILE B 478 2.19 28.79 -2.80
CA ILE B 478 0.93 29.21 -2.21
C ILE B 478 1.15 29.51 -0.73
N ILE B 479 0.57 30.62 -0.25
CA ILE B 479 0.79 31.11 1.11
C ILE B 479 -0.49 31.01 1.94
N SER B 480 -0.39 30.20 3.00
CA SER B 480 -1.51 29.89 3.87
C SER B 480 -1.22 30.51 5.23
N ILE B 481 -2.20 31.26 5.76
CA ILE B 481 -2.10 31.85 7.09
C ILE B 481 -2.97 31.04 8.05
N ASP B 482 -2.32 30.46 9.07
CA ASP B 482 -2.98 29.73 10.14
C ASP B 482 -3.49 30.74 11.15
N THR B 483 -4.80 31.03 11.15
CA THR B 483 -5.32 32.04 12.08
C THR B 483 -6.83 31.88 12.34
N ILE B 484 -7.27 32.35 13.51
CA ILE B 484 -8.69 32.41 13.81
C ILE B 484 -9.11 33.88 13.93
N ASN B 485 -8.13 34.76 13.72
CA ASN B 485 -8.32 36.18 13.96
C ASN B 485 -8.78 36.86 12.68
N TYR B 486 -9.95 37.51 12.75
CA TYR B 486 -10.48 38.31 11.64
C TYR B 486 -9.48 39.40 11.24
N ASN B 487 -8.95 40.13 12.24
CA ASN B 487 -8.23 41.35 11.92
C ASN B 487 -6.95 41.00 11.18
N VAL B 488 -6.32 39.91 11.61
CA VAL B 488 -5.09 39.41 11.02
C VAL B 488 -5.38 38.98 9.58
N PHE B 489 -6.47 38.23 9.39
CA PHE B 489 -6.78 37.77 8.05
C PHE B 489 -7.08 38.94 7.13
N LYS B 490 -7.90 39.90 7.60
CA LYS B 490 -8.25 41.03 6.75
C LYS B 490 -6.98 41.71 6.25
N GLU B 491 -6.08 42.04 7.17
CA GLU B 491 -4.89 42.77 6.80
C GLU B 491 -4.12 41.96 5.74
N CYS B 492 -4.08 40.63 5.94
CA CYS B 492 -3.33 39.77 5.05
C CYS B 492 -3.92 39.81 3.65
N VAL B 493 -5.24 39.59 3.53
CA VAL B 493 -5.88 39.59 2.22
C VAL B 493 -5.73 40.96 1.57
N ASP B 494 -5.99 42.03 2.34
CA ASP B 494 -6.00 43.41 1.87
C ASP B 494 -4.67 43.80 1.23
N ASN B 495 -3.58 43.15 1.64
CA ASN B 495 -2.26 43.48 1.15
C ASN B 495 -1.68 42.32 0.34
N ASP B 496 -2.58 41.60 -0.36
CA ASP B 496 -2.34 40.40 -1.16
C ASP B 496 -1.14 39.60 -0.63
N LEU B 497 -1.30 39.06 0.58
CA LEU B 497 -0.17 38.51 1.32
C LEU B 497 -0.32 37.00 1.50
N VAL B 498 -1.55 36.50 1.30
CA VAL B 498 -1.89 35.08 1.52
C VAL B 498 -2.80 34.62 0.39
N ASP B 499 -3.05 33.30 0.29
CA ASP B 499 -4.05 32.80 -0.65
C ASP B 499 -5.04 31.81 -0.02
N ILE B 500 -4.71 31.33 1.20
CA ILE B 500 -5.53 30.35 1.91
C ILE B 500 -5.64 30.73 3.38
N LEU B 501 -6.86 30.70 3.91
CA LEU B 501 -7.08 30.72 5.36
C LEU B 501 -7.02 29.31 5.94
N ASN B 502 -6.19 29.13 6.97
CA ASN B 502 -6.14 27.89 7.72
C ASN B 502 -6.77 28.14 9.10
N ASP B 503 -8.00 27.65 9.30
CA ASP B 503 -8.77 28.03 10.47
C ASP B 503 -9.05 26.83 11.38
N ILE B 504 -8.25 26.65 12.43
CA ILE B 504 -8.35 25.44 13.23
C ILE B 504 -9.66 25.41 14.03
N SER B 505 -10.39 26.52 14.06
CA SER B 505 -11.67 26.53 14.74
C SER B 505 -12.82 26.25 13.76
N ALA B 506 -12.47 26.02 12.48
CA ALA B 506 -13.42 25.78 11.41
C ALA B 506 -14.35 27.00 11.24
N CYS B 507 -13.80 28.19 11.48
CA CYS B 507 -14.57 29.42 11.33
C CYS B 507 -15.70 29.44 12.37
N THR B 508 -15.34 29.05 13.58
CA THR B 508 -16.25 28.87 14.69
C THR B 508 -15.93 29.97 15.70
N ASN B 509 -14.63 30.29 15.81
CA ASN B 509 -14.19 31.38 16.65
C ASN B 509 -14.80 32.70 16.18
N ASN B 510 -15.04 32.84 14.86
CA ASN B 510 -15.58 34.08 14.37
C ASN B 510 -16.06 33.93 12.93
N PRO B 511 -17.29 33.41 12.68
CA PRO B 511 -17.76 33.17 11.31
C PRO B 511 -17.60 34.36 10.35
N GLU B 512 -17.59 35.58 10.88
CA GLU B 512 -17.52 36.74 10.02
C GLU B 512 -16.32 36.61 9.08
N ILE B 513 -15.33 35.80 9.49
CA ILE B 513 -14.09 35.65 8.74
C ILE B 513 -14.38 35.08 7.35
N ILE B 514 -15.50 34.34 7.23
CA ILE B 514 -15.93 33.74 5.97
C ILE B 514 -16.09 34.83 4.90
N LYS B 515 -16.67 35.98 5.30
CA LYS B 515 -16.93 37.10 4.42
C LYS B 515 -15.63 37.60 3.78
N LEU B 516 -14.49 37.34 4.43
CA LEU B 516 -13.20 37.75 3.89
C LEU B 516 -12.68 36.73 2.87
N LEU B 517 -13.48 35.74 2.50
CA LEU B 517 -12.99 34.69 1.60
C LEU B 517 -13.53 34.92 0.19
N LYS B 518 -14.26 36.03 0.00
CA LYS B 518 -14.74 36.47 -1.30
C LYS B 518 -14.58 37.98 -1.40
N LYS B 519 -14.08 38.43 -2.56
CA LYS B 519 -13.89 39.85 -2.81
C LYS B 519 -14.64 40.23 -4.09
N LYS B 520 -14.19 41.30 -4.75
CA LYS B 520 -14.87 41.89 -5.91
C LYS B 520 -14.97 40.83 -7.00
N ASN B 521 -13.83 40.19 -7.31
CA ASN B 521 -13.81 39.14 -8.31
C ASN B 521 -13.30 37.83 -7.68
N LYS B 522 -12.23 37.94 -6.88
CA LYS B 522 -11.42 36.80 -6.47
C LYS B 522 -11.97 36.17 -5.20
N PHE B 523 -11.64 34.88 -5.04
CA PHE B 523 -12.01 34.06 -3.90
C PHE B 523 -10.75 33.57 -3.19
N TYR B 524 -10.92 33.10 -1.95
CA TYR B 524 -9.85 32.48 -1.21
C TYR B 524 -10.32 31.12 -0.71
N SER B 525 -9.43 30.12 -0.80
CA SER B 525 -9.68 28.78 -0.32
C SER B 525 -9.43 28.74 1.17
N VAL B 526 -10.20 27.90 1.88
CA VAL B 526 -10.14 27.75 3.33
C VAL B 526 -9.91 26.28 3.68
N VAL B 527 -9.13 26.04 4.76
CA VAL B 527 -8.97 24.74 5.41
C VAL B 527 -9.82 24.72 6.67
N LEU B 528 -10.68 23.73 6.84
CA LEU B 528 -11.47 23.63 8.06
C LEU B 528 -10.97 22.47 8.92
N MET B 529 -10.61 22.74 10.18
CA MET B 529 -10.14 21.68 11.07
C MET B 529 -11.08 21.48 12.27
N HIS B 530 -11.23 20.22 12.70
CA HIS B 530 -11.98 19.89 13.91
C HIS B 530 -11.06 19.94 15.12
N LYS B 531 -11.58 20.54 16.22
CA LYS B 531 -10.98 20.49 17.54
C LYS B 531 -12.07 20.62 18.60
N ARG B 532 -11.66 20.50 19.87
CA ARG B 532 -12.49 20.85 21.02
C ARG B 532 -11.59 21.63 21.98
N GLY B 533 -12.12 22.74 22.49
CA GLY B 533 -11.42 23.51 23.49
C GLY B 533 -10.19 24.18 22.88
N ASN B 534 -9.08 24.13 23.63
CA ASN B 534 -7.91 24.89 23.26
C ASN B 534 -6.69 24.17 23.81
N PRO B 535 -5.45 24.52 23.35
CA PRO B 535 -4.20 23.87 23.78
C PRO B 535 -4.03 23.43 25.24
N HIS B 536 -4.73 24.09 26.15
CA HIS B 536 -4.55 23.88 27.58
C HIS B 536 -5.61 22.93 28.12
N THR B 537 -6.73 22.80 27.40
CA THR B 537 -7.92 22.16 27.95
C THR B 537 -8.28 20.90 27.17
N MET B 538 -7.76 20.78 25.94
CA MET B 538 -8.22 19.82 24.93
C MET B 538 -7.89 18.37 25.28
N ASP B 539 -6.79 18.15 26.01
CA ASP B 539 -6.29 16.82 26.30
C ASP B 539 -7.34 15.98 27.02
N LYS B 540 -8.29 16.63 27.70
CA LYS B 540 -9.25 15.89 28.49
C LYS B 540 -10.62 15.91 27.82
N LEU B 541 -10.68 16.37 26.57
CA LEU B 541 -11.94 16.55 25.85
C LEU B 541 -12.07 15.45 24.81
N THR B 542 -11.96 14.23 25.30
CA THR B 542 -11.53 13.09 24.50
C THR B 542 -12.69 12.13 24.20
N ASN B 543 -13.89 12.38 24.73
CA ASN B 543 -14.98 11.42 24.60
C ASN B 543 -15.83 11.68 23.36
N TYR B 544 -15.89 10.65 22.49
CA TYR B 544 -16.75 10.71 21.33
C TYR B 544 -17.73 9.56 21.37
N ASP B 545 -18.91 9.84 20.83
CA ASP B 545 -19.91 8.83 20.60
C ASP B 545 -19.34 7.91 19.54
N ASN B 546 -19.13 8.46 18.34
CA ASN B 546 -18.53 7.72 17.25
C ASN B 546 -17.46 8.59 16.60
N LEU B 547 -16.22 8.48 17.08
CA LEU B 547 -15.11 9.34 16.74
C LEU B 547 -15.03 9.69 15.25
N VAL B 548 -14.90 8.67 14.38
CA VAL B 548 -14.67 8.92 12.97
C VAL B 548 -15.82 9.72 12.36
N TYR B 549 -17.06 9.34 12.73
CA TYR B 549 -18.23 9.85 12.02
C TYR B 549 -18.64 11.21 12.57
N ASP B 550 -18.44 11.38 13.88
CA ASP B 550 -18.73 12.65 14.51
C ASP B 550 -17.86 13.73 13.86
N ILE B 551 -16.57 13.43 13.71
CA ILE B 551 -15.64 14.40 13.15
C ILE B 551 -15.99 14.64 11.70
N LYS B 552 -16.37 13.58 10.98
CA LYS B 552 -16.66 13.72 9.57
C LYS B 552 -17.86 14.63 9.40
N ASN B 553 -18.93 14.31 10.15
CA ASN B 553 -20.18 15.06 10.14
C ASN B 553 -19.95 16.51 10.56
N TYR B 554 -19.10 16.72 11.58
CA TYR B 554 -18.75 18.06 11.99
C TYR B 554 -18.31 18.87 10.77
N LEU B 555 -17.34 18.34 10.02
CA LEU B 555 -16.73 19.07 8.94
C LEU B 555 -17.68 19.21 7.77
N GLU B 556 -18.36 18.11 7.42
CA GLU B 556 -19.38 18.16 6.38
C GLU B 556 -20.33 19.32 6.65
N GLN B 557 -20.55 19.62 7.93
CA GLN B 557 -21.52 20.64 8.31
C GLN B 557 -20.91 22.03 8.17
N ARG B 558 -19.65 22.21 8.60
CA ARG B 558 -19.05 23.53 8.44
C ARG B 558 -19.02 23.90 6.96
N LEU B 559 -18.80 22.90 6.10
CA LEU B 559 -18.75 23.09 4.66
C LEU B 559 -20.09 23.58 4.14
N ASN B 560 -21.16 22.81 4.43
CA ASN B 560 -22.53 23.20 4.14
C ASN B 560 -22.80 24.66 4.50
N PHE B 561 -22.31 25.06 5.68
CA PHE B 561 -22.49 26.43 6.15
C PHE B 561 -21.72 27.40 5.27
N LEU B 562 -20.52 27.01 4.81
CA LEU B 562 -19.67 27.91 4.01
C LEU B 562 -20.28 28.04 2.61
N VAL B 563 -20.83 26.93 2.16
CA VAL B 563 -21.39 26.80 0.84
C VAL B 563 -22.70 27.60 0.82
N LEU B 564 -23.49 27.46 1.88
CA LEU B 564 -24.73 28.24 1.94
C LEU B 564 -24.38 29.72 1.78
N ASN B 565 -23.19 30.13 2.22
CA ASN B 565 -22.81 31.52 2.17
C ASN B 565 -21.96 31.80 0.92
N GLY B 566 -21.96 30.83 -0.01
CA GLY B 566 -21.37 30.99 -1.33
C GLY B 566 -19.85 31.05 -1.30
N ILE B 567 -19.24 30.40 -0.30
CA ILE B 567 -17.88 29.91 -0.48
C ILE B 567 -17.98 28.71 -1.43
N PRO B 568 -17.26 28.73 -2.56
CA PRO B 568 -17.36 27.66 -3.57
C PRO B 568 -16.87 26.33 -3.03
N ARG B 569 -17.70 25.31 -3.17
CA ARG B 569 -17.49 24.01 -2.52
C ARG B 569 -16.09 23.48 -2.77
N TYR B 570 -15.51 23.82 -3.92
CA TYR B 570 -14.27 23.22 -4.39
C TYR B 570 -13.06 23.93 -3.83
N ARG B 571 -13.29 24.89 -2.91
CA ARG B 571 -12.21 25.67 -2.30
C ARG B 571 -12.15 25.39 -0.81
N ILE B 572 -12.84 24.34 -0.35
CA ILE B 572 -12.90 24.05 1.08
C ILE B 572 -12.21 22.70 1.32
N LEU B 573 -11.29 22.65 2.28
CA LEU B 573 -10.48 21.48 2.56
C LEU B 573 -10.72 21.00 4.00
N PHE B 574 -10.89 19.69 4.18
CA PHE B 574 -11.15 19.13 5.51
C PHE B 574 -9.84 18.76 6.20
N ASP B 575 -9.77 18.97 7.51
CA ASP B 575 -8.63 18.52 8.30
C ASP B 575 -9.17 17.95 9.60
N ILE B 576 -8.90 16.66 9.86
CA ILE B 576 -9.44 15.97 11.02
C ILE B 576 -8.82 16.47 12.33
N GLY B 577 -7.74 17.26 12.24
CA GLY B 577 -7.09 17.79 13.44
C GLY B 577 -6.56 16.69 14.35
N LEU B 578 -5.45 16.06 13.95
CA LEU B 578 -4.81 15.01 14.73
C LEU B 578 -4.19 15.64 15.96
N GLY B 579 -4.54 15.09 17.14
CA GLY B 579 -3.91 15.51 18.38
C GLY B 579 -4.59 16.73 18.99
N PHE B 580 -5.68 17.19 18.39
CA PHE B 580 -6.52 18.21 19.02
C PHE B 580 -7.73 17.50 19.58
N ALA B 581 -7.77 17.37 20.91
CA ALA B 581 -8.88 16.76 21.60
C ALA B 581 -8.99 15.31 21.17
N LYS B 582 -7.83 14.67 20.95
CA LYS B 582 -7.81 13.26 20.58
C LYS B 582 -6.65 12.61 21.31
N LYS B 583 -6.93 11.43 21.89
CA LYS B 583 -5.91 10.57 22.46
C LYS B 583 -5.06 9.98 21.35
N HIS B 584 -3.87 9.49 21.70
CA HIS B 584 -2.95 8.93 20.72
C HIS B 584 -3.61 7.80 19.96
N ASP B 585 -4.43 6.98 20.64
CA ASP B 585 -5.13 5.88 20.01
C ASP B 585 -6.17 6.43 19.04
N GLN B 586 -6.70 7.61 19.34
CA GLN B 586 -7.73 8.22 18.52
C GLN B 586 -7.11 8.83 17.26
N SER B 587 -5.98 9.51 17.43
CA SER B 587 -5.21 9.99 16.30
C SER B 587 -4.89 8.84 15.34
N ILE B 588 -4.58 7.64 15.88
CA ILE B 588 -4.34 6.49 15.05
C ILE B 588 -5.64 6.07 14.38
N LYS B 589 -6.73 6.00 15.15
CA LYS B 589 -7.99 5.49 14.60
C LYS B 589 -8.43 6.39 13.45
N LEU B 590 -8.21 7.70 13.58
CA LEU B 590 -8.60 8.62 12.54
C LEU B 590 -7.79 8.34 11.27
N LEU B 591 -6.49 8.07 11.42
CA LEU B 591 -5.66 7.68 10.29
C LEU B 591 -6.19 6.39 9.64
N GLN B 592 -6.43 5.34 10.45
CA GLN B 592 -6.88 4.05 9.96
C GLN B 592 -8.12 4.19 9.06
N ASN B 593 -8.94 5.22 9.30
CA ASN B 593 -10.23 5.35 8.62
C ASN B 593 -10.26 6.57 7.71
N ILE B 594 -9.14 6.86 7.04
CA ILE B 594 -9.02 8.12 6.34
C ILE B 594 -9.75 8.05 4.99
N HIS B 595 -10.27 6.87 4.65
CA HIS B 595 -10.86 6.60 3.33
C HIS B 595 -12.24 7.23 3.33
N VAL B 596 -12.59 7.73 4.51
CA VAL B 596 -13.89 8.28 4.78
C VAL B 596 -13.90 9.68 4.15
N TYR B 597 -12.69 10.16 3.81
CA TYR B 597 -12.53 11.45 3.17
C TYR B 597 -12.14 11.26 1.71
N ASP B 598 -12.48 10.07 1.17
CA ASP B 598 -12.14 9.66 -0.19
C ASP B 598 -12.80 10.56 -1.25
N GLU B 599 -13.77 11.36 -0.82
CA GLU B 599 -14.61 12.07 -1.76
C GLU B 599 -14.25 13.54 -1.76
N TYR B 600 -13.32 13.91 -0.86
CA TYR B 600 -13.14 15.28 -0.43
C TYR B 600 -11.67 15.68 -0.41
N PRO B 601 -11.35 16.98 -0.59
CA PRO B 601 -9.98 17.45 -0.43
C PRO B 601 -9.58 17.30 1.04
N LEU B 602 -8.42 16.66 1.30
CA LEU B 602 -8.07 16.31 2.66
C LEU B 602 -6.71 16.89 2.99
N PHE B 603 -6.66 17.74 4.03
CA PHE B 603 -5.44 18.35 4.53
C PHE B 603 -5.22 17.75 5.92
N ILE B 604 -4.01 17.28 6.26
CA ILE B 604 -3.76 16.74 7.59
C ILE B 604 -2.40 17.18 8.11
N GLY B 605 -2.20 17.06 9.43
CA GLY B 605 -1.00 17.50 10.11
C GLY B 605 -0.63 16.57 11.26
N TYR B 606 0.29 15.65 10.99
CA TYR B 606 0.79 14.68 11.95
C TYR B 606 2.13 15.15 12.49
N SER B 607 2.74 16.10 11.76
CA SER B 607 4.15 16.40 11.92
C SER B 607 4.48 16.74 13.37
N ARG B 608 5.33 15.91 13.97
CA ARG B 608 6.00 16.19 15.24
C ARG B 608 5.08 15.97 16.43
N LYS B 609 3.85 15.51 16.19
CA LYS B 609 2.89 15.40 17.27
C LYS B 609 3.25 14.20 18.14
N ARG B 610 2.77 14.22 19.38
CA ARG B 610 3.30 13.33 20.40
C ARG B 610 2.78 11.92 20.13
N PHE B 611 1.67 11.81 19.39
CA PHE B 611 1.07 10.51 19.17
C PHE B 611 2.01 9.57 18.42
N ILE B 612 2.89 10.14 17.57
CA ILE B 612 3.83 9.36 16.76
C ILE B 612 4.74 8.57 17.68
N SER B 613 5.30 9.25 18.69
CA SER B 613 6.22 8.72 19.69
C SER B 613 5.58 7.60 20.50
N HIS B 614 4.29 7.73 20.80
CA HIS B 614 3.58 6.82 21.68
C HIS B 614 3.48 5.45 21.02
N CYS B 615 3.58 5.44 19.68
CA CYS B 615 3.50 4.23 18.89
C CYS B 615 4.88 3.61 18.71
N MET B 616 5.65 3.50 19.79
CA MET B 616 7.05 3.10 19.71
C MET B 616 7.57 2.57 21.04
N ASN B 617 8.04 1.32 20.99
CA ASN B 617 8.82 0.67 22.05
C ASN B 617 10.22 1.28 22.10
N ASP B 657 20.73 13.16 25.39
CA ASP B 657 20.84 12.09 24.39
C ASP B 657 19.56 11.26 24.36
N LYS B 658 18.95 11.07 25.53
CA LYS B 658 17.71 10.31 25.64
C LYS B 658 16.53 11.18 25.21
N ASP B 659 16.80 12.45 24.92
CA ASP B 659 15.79 13.40 24.50
C ASP B 659 16.03 13.86 23.06
N GLN B 660 17.21 13.55 22.51
CA GLN B 660 17.52 13.88 21.13
C GLN B 660 17.23 12.68 20.22
N LEU B 661 17.31 11.46 20.77
CA LEU B 661 16.91 10.24 20.05
C LEU B 661 15.45 10.38 19.65
N LEU B 662 14.63 10.89 20.59
CA LEU B 662 13.20 10.84 20.47
C LEU B 662 12.70 11.84 19.43
N TYR B 663 13.55 12.81 19.06
CA TYR B 663 13.22 13.75 18.00
C TYR B 663 13.45 13.15 16.61
N GLN B 664 14.53 12.37 16.48
CA GLN B 664 14.79 11.55 15.31
C GLN B 664 13.68 10.51 15.15
N LYS B 665 13.40 9.80 16.24
CA LYS B 665 12.40 8.74 16.20
C LYS B 665 11.07 9.33 15.75
N ASN B 666 10.79 10.58 16.16
CA ASN B 666 9.53 11.23 15.89
C ASN B 666 9.50 11.71 14.43
N ILE B 667 10.60 12.31 13.98
CA ILE B 667 10.67 12.81 12.61
C ILE B 667 10.62 11.63 11.64
N CYS B 668 11.24 10.51 12.06
CA CYS B 668 11.34 9.36 11.16
C CYS B 668 9.98 8.65 11.13
N GLY B 669 9.41 8.40 12.31
CA GLY B 669 8.04 7.91 12.42
C GLY B 669 7.06 8.75 11.61
N GLY B 670 7.25 10.07 11.62
CA GLY B 670 6.54 10.98 10.74
C GLY B 670 6.57 10.52 9.29
N LEU B 671 7.78 10.22 8.80
CA LEU B 671 7.98 9.89 7.40
C LEU B 671 7.16 8.66 7.01
N ALA B 672 6.91 7.76 7.98
CA ALA B 672 5.97 6.66 7.81
C ALA B 672 4.54 7.15 7.50
N ILE B 673 4.01 8.10 8.30
CA ILE B 673 2.67 8.58 8.06
C ILE B 673 2.64 9.27 6.70
N ALA B 674 3.78 9.85 6.29
CA ALA B 674 3.83 10.46 4.96
C ALA B 674 3.62 9.41 3.88
N SER B 675 4.28 8.26 4.03
CA SER B 675 4.13 7.16 3.10
C SER B 675 2.67 6.72 3.07
N TYR B 676 2.13 6.49 4.28
CA TYR B 676 0.77 6.04 4.42
C TYR B 676 -0.16 7.05 3.75
N SER B 677 0.08 8.34 4.00
CA SER B 677 -0.65 9.44 3.40
C SER B 677 -0.58 9.36 1.88
N TYR B 678 0.59 8.99 1.35
CA TYR B 678 0.81 8.93 -0.09
C TYR B 678 -0.05 7.83 -0.73
N TYR B 679 -0.07 6.66 -0.10
CA TYR B 679 -0.86 5.53 -0.59
C TYR B 679 -2.36 5.74 -0.35
N LYS B 680 -2.74 6.48 0.69
CA LYS B 680 -4.13 6.78 1.00
C LYS B 680 -4.56 8.03 0.22
N LYS B 681 -3.60 8.66 -0.48
CA LYS B 681 -3.84 9.71 -1.46
C LYS B 681 -4.39 10.99 -0.84
N VAL B 682 -3.96 11.27 0.39
CA VAL B 682 -4.20 12.51 1.11
C VAL B 682 -3.72 13.68 0.24
N ASP B 683 -4.41 14.81 0.31
CA ASP B 683 -4.22 15.87 -0.66
C ASP B 683 -3.07 16.81 -0.27
N LEU B 684 -3.00 17.23 1.01
CA LEU B 684 -1.90 18.02 1.53
C LEU B 684 -1.51 17.51 2.92
N ILE B 685 -0.20 17.50 3.17
CA ILE B 685 0.29 17.17 4.50
C ILE B 685 1.17 18.32 5.02
N ARG B 686 0.90 18.75 6.25
CA ARG B 686 1.51 19.93 6.82
C ARG B 686 2.72 19.48 7.63
N VAL B 687 3.92 19.77 7.13
CA VAL B 687 5.11 19.20 7.73
C VAL B 687 6.13 20.28 8.07
N HIS B 688 7.01 19.95 9.03
CA HIS B 688 8.20 20.70 9.35
C HIS B 688 9.35 20.28 8.45
N ASP B 689 9.54 18.96 8.28
CA ASP B 689 10.74 18.44 7.67
C ASP B 689 10.48 18.25 6.19
N VAL B 690 10.52 19.36 5.45
CA VAL B 690 10.12 19.43 4.04
C VAL B 690 11.05 18.60 3.15
N LEU B 691 12.37 18.67 3.37
CA LEU B 691 13.28 17.91 2.54
C LEU B 691 13.04 16.39 2.71
N GLU B 692 13.12 15.91 3.95
CA GLU B 692 12.87 14.50 4.25
C GLU B 692 11.55 14.04 3.64
N THR B 693 10.47 14.84 3.76
CA THR B 693 9.17 14.44 3.24
C THR B 693 9.23 14.30 1.72
N LYS B 694 9.76 15.33 1.04
CA LYS B 694 9.85 15.39 -0.41
C LYS B 694 10.63 14.19 -0.93
N SER B 695 11.73 13.86 -0.23
CA SER B 695 12.51 12.68 -0.57
C SER B 695 11.61 11.45 -0.57
N VAL B 696 11.01 11.14 0.60
CA VAL B 696 10.13 9.99 0.69
C VAL B 696 9.14 9.99 -0.47
N LEU B 697 8.38 11.09 -0.61
CA LEU B 697 7.35 11.21 -1.65
C LEU B 697 7.92 10.93 -3.03
N ASP B 698 9.18 11.35 -3.29
CA ASP B 698 9.72 11.22 -4.63
C ASP B 698 9.97 9.75 -4.99
N VAL B 699 10.66 9.04 -4.10
CA VAL B 699 10.89 7.62 -4.23
C VAL B 699 9.56 6.89 -4.42
N LEU B 700 8.52 7.29 -3.67
CA LEU B 700 7.28 6.53 -3.74
C LEU B 700 6.61 6.79 -5.07
N THR B 701 6.64 8.05 -5.53
CA THR B 701 6.09 8.39 -6.83
C THR B 701 6.78 7.58 -7.93
N LYS B 702 8.11 7.47 -7.87
CA LYS B 702 8.86 6.77 -8.91
C LYS B 702 8.39 5.31 -8.99
N ILE B 703 8.36 4.64 -7.84
CA ILE B 703 8.02 3.23 -7.78
C ILE B 703 6.66 2.99 -8.43
N ASP B 704 5.83 4.04 -8.46
CA ASP B 704 4.45 3.94 -8.91
C ASP B 704 4.32 4.31 -10.39
N GLN B 705 5.27 5.08 -10.91
CA GLN B 705 5.15 5.47 -12.30
C GLN B 705 5.61 4.32 -13.19
N VAL B 706 4.66 3.47 -13.58
CA VAL B 706 4.90 2.34 -14.47
C VAL B 706 4.82 2.80 -15.92
N LYS B 707 5.80 2.34 -16.72
CA LYS B 707 5.90 2.64 -18.14
C LYS B 707 4.75 1.97 -18.91
N ASP B 708 4.55 0.66 -18.69
CA ASP B 708 3.54 -0.13 -19.37
C ASP B 708 2.68 -0.86 -18.33
N PRO B 709 1.35 -0.61 -18.28
CA PRO B 709 0.49 -1.19 -17.24
C PRO B 709 -0.02 -2.60 -17.53
N ASN B 710 0.54 -3.22 -18.58
CA ASN B 710 0.20 -4.56 -19.02
C ASN B 710 1.41 -5.47 -18.83
N SER B 711 2.57 -4.84 -18.60
CA SER B 711 3.90 -5.42 -18.77
C SER B 711 4.16 -6.61 -17.83
N SER B 712 3.52 -6.63 -16.67
CA SER B 712 3.80 -7.67 -15.69
C SER B 712 3.17 -9.01 -16.08
N SER B 713 2.05 -8.96 -16.82
CA SER B 713 1.34 -10.14 -17.28
C SER B 713 1.94 -10.65 -18.59
N VAL B 714 2.12 -9.69 -19.52
CA VAL B 714 2.79 -9.90 -20.80
C VAL B 714 4.15 -10.55 -20.53
N ASP B 715 4.89 -9.97 -19.58
CA ASP B 715 6.23 -10.42 -19.25
C ASP B 715 6.16 -11.80 -18.59
N LYS B 716 5.10 -12.02 -17.80
CA LYS B 716 4.92 -13.27 -17.08
C LYS B 716 4.71 -14.41 -18.07
N LEU B 717 3.84 -14.16 -19.06
CA LEU B 717 3.53 -15.10 -20.12
C LEU B 717 4.79 -15.43 -20.92
N ALA B 718 5.56 -14.39 -21.27
CA ALA B 718 6.78 -14.55 -22.05
C ALA B 718 7.75 -15.53 -21.38
N ALA B 719 7.75 -15.54 -20.04
CA ALA B 719 8.62 -16.36 -19.23
C ALA B 719 8.14 -17.81 -19.27
N ALA B 720 6.81 -17.97 -19.26
CA ALA B 720 6.15 -19.26 -19.16
C ALA B 720 6.31 -20.05 -20.45
N LEU B 721 6.58 -19.35 -21.55
CA LEU B 721 6.71 -19.97 -22.88
C LEU B 721 8.17 -20.32 -23.17
N GLU B 722 9.07 -19.93 -22.25
CA GLU B 722 10.50 -20.14 -22.39
C GLU B 722 10.98 -21.26 -21.46
C2 CKL C . 23.00 -8.67 -0.11
C4 CKL C . 22.67 -6.64 -1.26
C5 CKL C . 24.04 -6.23 -0.89
C6 CKL C . 24.82 -7.21 -0.09
O24 CKL C . 24.44 1.42 -6.48
S21 CKL C . 25.69 1.57 -5.74
O23 CKL C . 25.53 2.58 -4.73
N22 CKL C . 26.85 2.11 -6.77
C25 CKL C . 28.20 2.14 -6.49
C30 CKL C . 29.13 1.62 -7.41
O31 CKL C . 28.70 1.10 -8.62
C32 CKL C . 28.25 1.96 -9.67
C29 CKL C . 30.49 1.66 -7.09
O33 CKL C . 31.46 1.16 -7.96
C34 CKL C . 32.27 0.01 -7.67
N28 CKL C . 30.88 2.20 -5.90
C27 CKL C . 29.98 2.70 -5.03
N26 CKL C . 28.66 2.67 -5.31
C18 CKL C . 25.98 0.19 -4.98
C17 CKL C . 25.74 -1.06 -5.55
C16 CKL C . 25.99 -2.21 -4.82
C19 CKL C . 26.47 0.26 -3.67
C20 CKL C . 26.73 -0.88 -2.93
C15 CKL C . 26.48 -2.14 -3.50
N14 CKL C . 26.72 -3.28 -2.77
C13 CKL C . 26.44 -3.39 -1.35
C8 CKL C . 25.85 -4.72 -0.93
C9 CKL C . 26.70 -5.66 -0.09
N10 CKL C . 26.08 -6.92 0.28
N1 CKL C . 24.26 -8.38 0.28
N7 CKL C . 24.57 -5.05 -1.28
O12 CKL C . 21.92 -5.90 -1.95
N3 CKL C . 22.25 -7.83 -0.85
N11 CKL C . 22.46 -9.84 0.24
P PO4 D . 27.48 -2.03 1.65
O1 PO4 D . 27.82 -1.76 3.09
O2 PO4 D . 28.76 -2.56 0.96
O3 PO4 D . 27.07 -0.73 0.95
O4 PO4 D . 26.30 -3.01 1.69
P AMP E . 1.96 -43.95 13.00
O1P AMP E . 1.93 -44.11 14.51
O2P AMP E . 0.93 -42.97 12.49
O3P AMP E . 3.34 -43.81 12.37
O5' AMP E . 1.44 -45.39 12.50
C5' AMP E . 1.19 -45.63 11.12
C4' AMP E . 0.62 -47.03 10.93
O4' AMP E . 0.29 -47.24 9.55
C3' AMP E . 1.64 -48.10 11.27
O3' AMP E . 0.92 -49.24 11.74
C2' AMP E . 2.28 -48.48 9.96
O2' AMP E . 2.66 -49.85 10.01
C1' AMP E . 1.15 -48.23 8.96
N9 AMP E . 1.59 -47.77 7.60
C8 AMP E . 1.14 -48.27 6.43
N7 AMP E . 1.70 -47.67 5.35
C5 AMP E . 2.56 -46.77 5.84
C6 AMP E . 3.48 -45.79 5.25
N6 AMP E . 3.59 -45.67 3.91
N1 AMP E . 4.20 -45.01 6.09
C2 AMP E . 4.10 -45.12 7.44
N3 AMP E . 3.28 -45.99 8.02
C4 AMP E . 2.50 -46.83 7.31
MG MG F . 1.95 -42.02 10.35
CA CA G . 23.48 -39.79 3.53
C ACT H . 21.01 -13.32 -15.87
O ACT H . 21.96 -12.54 -15.66
OXT ACT H . 20.62 -13.62 -17.01
CH3 ACT H . 20.33 -13.93 -14.68
C1 PEG I . 0.21 -1.33 -1.60
O1 PEG I . 0.70 -0.25 -0.79
C2 PEG I . 1.23 -1.63 -2.69
O2 PEG I . 1.24 -0.57 -3.65
C3 PEG I . 2.31 -0.62 -4.62
C4 PEG I . 1.87 -1.23 -5.96
O4 PEG I . 2.99 -1.76 -6.70
C1 PEG J . -5.41 0.65 5.72
O1 PEG J . -5.83 0.76 7.10
C2 PEG J . -3.87 0.45 5.59
O2 PEG J . -3.49 0.08 4.24
C3 PEG J . -2.52 0.92 3.56
C4 PEG J . -2.86 1.18 2.09
O4 PEG J . -1.81 0.68 1.23
C2 CKL K . -4.05 22.35 10.71
C4 CKL K . -3.22 20.71 12.18
C5 CKL K . -2.42 21.76 12.87
C6 CKL K . -2.54 23.13 12.34
O24 CKL K . -0.17 16.27 20.24
S21 CKL K . 0.75 17.39 20.30
O23 CKL K . 2.04 16.86 20.05
N22 CKL K . 0.69 18.13 21.73
C25 CKL K . 1.77 18.44 22.49
C30 CKL K . 1.65 18.35 23.87
O31 CKL K . 0.43 17.98 24.40
C32 CKL K . -0.68 18.88 24.38
C29 CKL K . 2.77 18.65 24.67
O33 CKL K . 2.70 18.56 26.04
C34 CKL K . 3.28 17.43 26.72
N28 CKL K . 3.94 19.03 24.06
C27 CKL K . 4.03 19.11 22.72
N26 CKL K . 2.96 18.83 21.94
C18 CKL K . 0.34 18.60 19.31
C17 CKL K . -1.00 18.91 19.09
C16 CKL K . -1.39 19.95 18.26
C19 CKL K . 1.31 19.39 18.73
C20 CKL K . 0.93 20.45 17.91
C15 CKL K . -0.42 20.74 17.65
N14 CKL K . -0.79 21.78 16.84
C13 CKL K . -0.03 22.21 15.69
C8 CKL K . -0.93 22.49 14.52
C9 CKL K . -1.00 23.92 14.02
N10 CKL K . -1.87 24.13 12.88
N1 CKL K . -3.36 23.35 11.29
N7 CKL K . -1.63 21.50 13.92
O12 CKL K . -3.20 19.52 12.54
N3 CKL K . -3.99 21.09 11.14
N11 CKL K . -4.83 22.66 9.66
P PO4 L . 3.33 22.94 15.08
O1 PO4 L . 4.84 23.11 15.08
O2 PO4 L . 2.95 22.41 16.44
O3 PO4 L . 2.70 24.28 14.72
O4 PO4 L . 2.88 21.90 14.09
P AMP M . -26.22 27.12 -26.03
O1P AMP M . -26.28 28.07 -24.85
O2P AMP M . -25.80 27.77 -27.33
O3P AMP M . -25.52 25.81 -25.74
O5' AMP M . -27.75 26.68 -26.27
C5' AMP M . -28.79 27.30 -25.54
C4' AMP M . -29.91 27.70 -26.48
O4' AMP M . -31.08 26.95 -26.12
C3' AMP M . -30.29 29.16 -26.34
O3' AMP M . -30.70 29.62 -27.63
C2' AMP M . -31.47 29.19 -25.38
O2' AMP M . -32.48 30.11 -25.77
C1' AMP M . -32.03 27.78 -25.46
N9 AMP M . -32.33 27.22 -24.11
C8 AMP M . -33.30 26.31 -23.89
N7 AMP M . -33.38 25.96 -22.60
C5 AMP M . -32.43 26.64 -21.96
C6 AMP M . -31.97 26.71 -20.57
N6 AMP M . -32.58 25.96 -19.64
N1 AMP M . -30.94 27.54 -20.28
C2 AMP M . -30.34 28.27 -21.24
N3 AMP M . -30.70 28.26 -22.53
C4 AMP M . -31.73 27.47 -22.94
MG MG N . -26.55 26.97 -23.30
CA CA O . -26.06 38.91 -4.54
C ACT P . -17.51 16.75 18.18
O ACT P . -16.57 17.37 18.76
OXT ACT P . -18.22 15.90 18.78
CH3 ACT P . -17.78 17.06 16.72
#